data_3AI3
#
_entry.id   3AI3
#
_cell.length_a   61.040
_cell.length_b   124.410
_cell.length_c   124.540
_cell.angle_alpha   90.00
_cell.angle_beta   90.00
_cell.angle_gamma   90.00
#
_symmetry.space_group_name_H-M   'P 21 21 21'
#
loop_
_entity.id
_entity.type
_entity.pdbx_description
1 polymer 'NADPH-sorbose reductase'
2 non-polymer 'NADPH DIHYDRO-NICOTINAMIDE-ADENINE-DINUCLEOTIDE PHOSPHATE'
3 non-polymer L-sorbose
4 non-polymer alpha-L-sorbopyranose
5 water water
#
_entity_poly.entity_id   1
_entity_poly.type   'polypeptide(L)'
_entity_poly.pdbx_seq_one_letter_code
;MDMGISGKVAVITGSSSGIGLAIAEGFAKEGAHIVLVARQVDRLHEAARSLKEKFGVRVLEVAVDVATPEGVDAVVESVR
SSFGGADILVNNAGTGSNETIMEAADEKWQFYWELLVMAAVRLARGLVPGMRARGGGAIIHNASICAVQPLWYEPIYNVT
KAALMMFSKTLATEVIKDNIRVNCINPGLILTPDWIKTAKELTKDNGGDWKGYLQSVADEHAPIKRFASPEELANFFVFL
CSERATYSVGSAYFVDGGMLKTL
;
_entity_poly.pdbx_strand_id   A,C,E,G
#
# COMPACT_ATOMS: atom_id res chain seq x y z
N MET A 1 -7.62 30.67 7.68
CA MET A 1 -6.23 30.36 7.24
C MET A 1 -6.02 30.94 5.85
N ASP A 2 -5.01 31.79 5.74
CA ASP A 2 -4.66 32.40 4.47
C ASP A 2 -4.05 31.34 3.57
N MET A 3 -4.58 31.24 2.36
CA MET A 3 -4.09 30.26 1.38
C MET A 3 -2.93 30.79 0.54
N GLY A 4 -2.80 32.12 0.48
CA GLY A 4 -1.68 32.75 -0.25
C GLY A 4 -1.70 32.55 -1.76
N ILE A 5 -2.90 32.40 -2.32
CA ILE A 5 -2.98 32.15 -3.77
C ILE A 5 -3.69 33.27 -4.52
N SER A 6 -3.85 34.43 -3.87
CA SER A 6 -4.56 35.54 -4.51
C SER A 6 -3.80 35.99 -5.74
N GLY A 7 -4.47 36.11 -6.87
CA GLY A 7 -3.83 36.54 -8.12
C GLY A 7 -3.01 35.45 -8.86
N LYS A 8 -3.01 34.23 -8.32
CA LYS A 8 -2.33 33.12 -9.02
C LYS A 8 -3.25 32.64 -10.11
N VAL A 9 -2.69 31.97 -11.10
CA VAL A 9 -3.45 31.55 -12.26
C VAL A 9 -3.60 30.01 -12.18
N ALA A 10 -4.84 29.57 -12.10
CA ALA A 10 -5.14 28.15 -11.93
C ALA A 10 -5.87 27.60 -13.15
N VAL A 11 -5.29 26.60 -13.82
CA VAL A 11 -5.91 25.89 -14.92
C VAL A 11 -6.58 24.64 -14.37
N ILE A 12 -7.89 24.51 -14.56
CA ILE A 12 -8.63 23.30 -14.10
C ILE A 12 -9.30 22.64 -15.28
N THR A 13 -8.93 21.39 -15.57
CA THR A 13 -9.56 20.69 -16.70
C THR A 13 -10.89 20.12 -16.28
N GLY A 14 -11.85 20.08 -17.19
CA GLY A 14 -13.19 19.54 -16.84
C GLY A 14 -13.89 20.36 -15.78
N SER A 15 -13.94 21.69 -15.98
CA SER A 15 -14.34 22.56 -14.91
C SER A 15 -15.62 23.31 -15.15
N SER A 16 -16.42 22.86 -16.11
CA SER A 16 -17.69 23.50 -16.39
C SER A 16 -18.80 22.93 -15.53
N SER A 17 -18.52 21.80 -14.88
CA SER A 17 -19.50 21.18 -13.96
C SER A 17 -18.86 20.20 -12.98
N GLY A 18 -19.69 19.69 -12.05
CA GLY A 18 -19.25 18.67 -11.08
C GLY A 18 -18.07 19.11 -10.21
N ILE A 19 -17.14 18.17 -9.98
CA ILE A 19 -16.00 18.44 -9.09
C ILE A 19 -15.16 19.59 -9.63
N GLY A 20 -14.92 19.62 -10.93
CA GLY A 20 -14.00 20.62 -11.47
C GLY A 20 -14.53 22.04 -11.30
N LEU A 21 -15.83 22.20 -11.43
CA LEU A 21 -16.42 23.53 -11.21
C LEU A 21 -16.36 23.92 -9.76
N ALA A 22 -16.57 22.97 -8.85
CA ALA A 22 -16.44 23.28 -7.41
C ALA A 22 -15.00 23.65 -7.05
N ILE A 23 -14.04 23.00 -7.72
CA ILE A 23 -12.63 23.33 -7.54
C ILE A 23 -12.38 24.76 -8.01
N ALA A 24 -12.84 25.08 -9.22
CA ALA A 24 -12.68 26.43 -9.74
C ALA A 24 -13.28 27.49 -8.80
N GLU A 25 -14.47 27.21 -8.24
CA GLU A 25 -15.11 28.13 -7.30
C GLU A 25 -14.28 28.26 -6.02
N GLY A 26 -13.71 27.14 -5.57
CA GLY A 26 -12.82 27.16 -4.38
C GLY A 26 -11.61 28.08 -4.58
N PHE A 27 -10.98 27.99 -5.75
CA PHE A 27 -9.77 28.76 -6.02
C PHE A 27 -10.15 30.24 -6.18
N ALA A 28 -11.26 30.48 -6.88
CA ALA A 28 -11.75 31.86 -7.11
C ALA A 28 -12.08 32.56 -5.77
N LYS A 29 -12.65 31.80 -4.85
CA LYS A 29 -12.93 32.34 -3.50
C LYS A 29 -11.67 32.81 -2.79
N GLU A 30 -10.54 32.19 -3.10
CA GLU A 30 -9.26 32.58 -2.54
C GLU A 30 -8.51 33.61 -3.42
N GLY A 31 -9.15 34.08 -4.48
CA GLY A 31 -8.61 35.19 -5.25
C GLY A 31 -7.79 34.81 -6.47
N ALA A 32 -7.74 33.52 -6.79
CA ALA A 32 -7.04 33.02 -7.97
C ALA A 32 -7.83 33.25 -9.25
N HIS A 33 -7.12 33.64 -10.30
CA HIS A 33 -7.70 33.72 -11.63
C HIS A 33 -7.82 32.31 -12.18
N ILE A 34 -8.78 32.11 -13.06
CA ILE A 34 -9.16 30.74 -13.40
C ILE A 34 -9.13 30.53 -14.89
N VAL A 35 -8.55 29.40 -15.33
CA VAL A 35 -8.68 28.96 -16.70
C VAL A 35 -9.59 27.74 -16.70
N LEU A 36 -10.78 27.88 -17.29
CA LEU A 36 -11.75 26.78 -17.36
C LEU A 36 -11.59 26.07 -18.68
N VAL A 37 -11.63 24.74 -18.65
CA VAL A 37 -11.47 23.91 -19.85
C VAL A 37 -12.54 22.84 -19.84
N ALA A 38 -13.28 22.71 -20.93
CA ALA A 38 -14.29 21.67 -21.10
C ALA A 38 -14.71 21.67 -22.57
N ARG A 39 -15.59 20.76 -22.96
CA ARG A 39 -15.98 20.65 -24.35
C ARG A 39 -17.14 21.54 -24.74
N GLN A 40 -18.20 21.57 -23.92
CA GLN A 40 -19.41 22.37 -24.24
C GLN A 40 -19.28 23.87 -23.95
N VAL A 41 -19.51 24.68 -24.97
CA VAL A 41 -19.35 26.12 -24.87
C VAL A 41 -20.35 26.78 -23.91
N ASP A 42 -21.58 26.28 -23.89
CA ASP A 42 -22.63 26.90 -23.08
C ASP A 42 -22.37 26.83 -21.58
N ARG A 43 -22.02 25.63 -21.10
CA ARG A 43 -21.73 25.45 -19.68
C ARG A 43 -20.49 26.24 -19.30
N LEU A 44 -19.49 26.23 -20.18
CA LEU A 44 -18.28 27.00 -19.95
C LEU A 44 -18.57 28.50 -19.76
N HIS A 45 -19.42 29.06 -20.62
CA HIS A 45 -19.83 30.45 -20.46
C HIS A 45 -20.52 30.75 -19.11
N GLU A 46 -21.47 29.91 -18.71
CA GLU A 46 -22.15 30.13 -17.44
C GLU A 46 -21.19 30.03 -16.26
N ALA A 47 -20.30 29.04 -16.31
CA ALA A 47 -19.35 28.83 -15.22
C ALA A 47 -18.50 30.08 -15.05
N ALA A 48 -17.99 30.60 -16.16
CA ALA A 48 -17.16 31.82 -16.16
C ALA A 48 -17.93 33.04 -15.70
N ARG A 49 -19.13 33.21 -16.21
CA ARG A 49 -19.98 34.34 -15.82
C ARG A 49 -20.20 34.32 -14.30
N SER A 50 -20.54 33.16 -13.78
CA SER A 50 -20.86 33.01 -12.35
C SER A 50 -19.61 33.26 -11.47
N LEU A 51 -18.47 32.73 -11.90
CA LEU A 51 -17.23 32.94 -11.15
C LEU A 51 -16.85 34.40 -11.09
N LYS A 52 -16.94 35.09 -12.21
CA LYS A 52 -16.57 36.52 -12.25
C LYS A 52 -17.52 37.37 -11.41
N GLU A 53 -18.82 37.08 -11.51
CA GLU A 53 -19.83 37.78 -10.75
C GLU A 53 -19.65 37.58 -9.24
N LYS A 54 -19.54 36.34 -8.80
CA LYS A 54 -19.41 36.03 -7.37
C LYS A 54 -18.06 36.42 -6.79
N PHE A 55 -16.98 36.29 -7.56
CA PHE A 55 -15.65 36.37 -6.94
C PHE A 55 -14.73 37.46 -7.49
N GLY A 56 -15.12 38.05 -8.63
CA GLY A 56 -14.39 39.16 -9.20
C GLY A 56 -12.98 38.87 -9.66
N VAL A 57 -12.73 37.61 -10.05
CA VAL A 57 -11.42 37.22 -10.58
C VAL A 57 -11.51 37.16 -12.09
N ARG A 58 -10.36 37.06 -12.76
CA ARG A 58 -10.32 36.89 -14.20
C ARG A 58 -10.61 35.43 -14.49
N VAL A 59 -11.41 35.19 -15.54
CA VAL A 59 -11.71 33.83 -15.99
C VAL A 59 -11.55 33.70 -17.50
N LEU A 60 -10.81 32.68 -17.92
CA LEU A 60 -10.63 32.38 -19.34
C LEU A 60 -11.31 31.06 -19.64
N GLU A 61 -12.04 31.00 -20.75
CA GLU A 61 -12.68 29.75 -21.19
C GLU A 61 -11.96 29.14 -22.37
N VAL A 62 -11.70 27.83 -22.29
CA VAL A 62 -11.07 27.12 -23.39
C VAL A 62 -11.93 25.92 -23.71
N ALA A 63 -12.57 25.94 -24.88
CA ALA A 63 -13.54 24.92 -25.20
C ALA A 63 -12.89 23.90 -26.15
N VAL A 64 -12.29 22.88 -25.54
CA VAL A 64 -11.55 21.87 -26.29
C VAL A 64 -11.69 20.48 -25.66
N ASP A 65 -11.26 19.47 -26.43
CA ASP A 65 -11.19 18.08 -25.97
C ASP A 65 -9.76 17.79 -25.48
N VAL A 66 -9.57 17.66 -24.16
CA VAL A 66 -8.23 17.50 -23.62
C VAL A 66 -7.70 16.07 -23.84
N ALA A 67 -8.55 15.19 -24.38
CA ALA A 67 -8.13 13.84 -24.75
C ALA A 67 -7.33 13.82 -26.06
N THR A 68 -7.11 15.00 -26.65
CA THR A 68 -6.40 15.11 -27.92
C THR A 68 -5.20 16.04 -27.76
N PRO A 69 -4.10 15.77 -28.49
CA PRO A 69 -2.96 16.67 -28.37
C PRO A 69 -3.28 18.08 -28.87
N GLU A 70 -4.15 18.20 -29.87
CA GLU A 70 -4.58 19.51 -30.37
C GLU A 70 -5.29 20.34 -29.29
N GLY A 71 -6.14 19.66 -28.53
CA GLY A 71 -6.90 20.28 -27.46
C GLY A 71 -5.94 20.74 -26.38
N VAL A 72 -4.99 19.89 -25.99
CA VAL A 72 -4.02 20.30 -24.97
C VAL A 72 -3.22 21.48 -25.50
N ASP A 73 -2.79 21.43 -26.76
CA ASP A 73 -2.01 22.56 -27.31
C ASP A 73 -2.79 23.87 -27.22
N ALA A 74 -4.11 23.80 -27.45
CA ALA A 74 -4.98 24.98 -27.41
C ALA A 74 -5.06 25.57 -25.99
N VAL A 75 -5.16 24.71 -24.96
CA VAL A 75 -5.12 25.15 -23.56
C VAL A 75 -3.82 25.91 -23.31
N VAL A 76 -2.70 25.32 -23.71
CA VAL A 76 -1.38 25.89 -23.48
C VAL A 76 -1.26 27.26 -24.16
N GLU A 77 -1.68 27.35 -25.41
CA GLU A 77 -1.60 28.62 -26.14
C GLU A 77 -2.54 29.68 -25.55
N SER A 78 -3.72 29.27 -25.10
CA SER A 78 -4.65 30.20 -24.49
C SER A 78 -4.10 30.76 -23.17
N VAL A 79 -3.54 29.88 -22.34
CA VAL A 79 -2.92 30.31 -21.10
C VAL A 79 -1.82 31.32 -21.38
N ARG A 80 -0.98 30.99 -22.35
CA ARG A 80 0.16 31.82 -22.71
C ARG A 80 -0.29 33.21 -23.15
N SER A 81 -1.30 33.25 -24.01
CA SER A 81 -1.75 34.49 -24.63
C SER A 81 -2.39 35.44 -23.64
N SER A 82 -3.20 34.91 -22.70
CA SER A 82 -3.91 35.73 -21.74
C SER A 82 -3.16 36.01 -20.47
N PHE A 83 -2.42 35.02 -19.98
CA PHE A 83 -1.79 35.09 -18.65
C PHE A 83 -0.26 34.94 -18.65
N GLY A 84 0.32 34.51 -19.76
CA GLY A 84 1.76 34.19 -19.80
C GLY A 84 2.06 32.75 -19.39
N GLY A 85 1.50 32.32 -18.26
CA GLY A 85 1.77 31.00 -17.71
C GLY A 85 0.79 30.71 -16.58
N ALA A 86 0.88 29.50 -16.06
CA ALA A 86 0.01 29.03 -15.00
C ALA A 86 0.83 28.79 -13.74
N ASP A 87 0.20 28.99 -12.61
CA ASP A 87 0.81 28.71 -11.31
C ASP A 87 0.31 27.39 -10.75
N ILE A 88 -0.92 27.05 -11.11
CA ILE A 88 -1.57 25.84 -10.58
C ILE A 88 -2.21 25.13 -11.77
N LEU A 89 -2.07 23.81 -11.81
CA LEU A 89 -2.79 22.98 -12.78
C LEU A 89 -3.51 21.84 -12.03
N VAL A 90 -4.83 21.69 -12.27
CA VAL A 90 -5.59 20.53 -11.76
C VAL A 90 -6.11 19.71 -12.95
N ASN A 91 -5.66 18.44 -13.03
CA ASN A 91 -6.14 17.50 -14.03
C ASN A 91 -7.33 16.80 -13.46
N ASN A 92 -8.49 17.15 -14.00
CA ASN A 92 -9.74 16.66 -13.45
C ASN A 92 -10.67 16.09 -14.52
N ALA A 93 -10.53 16.51 -15.78
CA ALA A 93 -11.42 15.97 -16.83
C ALA A 93 -11.39 14.45 -16.87
N GLY A 94 -12.56 13.83 -16.84
CA GLY A 94 -12.61 12.40 -16.84
C GLY A 94 -14.04 11.93 -16.70
N THR A 95 -14.21 10.62 -16.83
CA THR A 95 -15.53 10.03 -16.66
C THR A 95 -15.33 8.57 -16.30
N GLY A 96 -16.35 7.95 -15.70
CA GLY A 96 -16.35 6.54 -15.32
C GLY A 96 -16.41 5.61 -16.52
N SER A 97 -16.20 4.32 -16.27
CA SER A 97 -16.32 3.35 -17.36
C SER A 97 -17.34 2.29 -16.93
N ASN A 98 -17.51 1.27 -17.75
CA ASN A 98 -18.58 0.28 -17.59
C ASN A 98 -18.45 -0.78 -18.68
N GLU A 99 -17.77 -1.86 -18.35
CA GLU A 99 -17.50 -2.95 -19.29
C GLU A 99 -16.95 -4.17 -18.56
N THR A 100 -16.80 -5.26 -19.31
CA THR A 100 -15.97 -6.35 -18.87
C THR A 100 -14.73 -6.35 -19.74
N ILE A 101 -13.66 -6.91 -19.21
CA ILE A 101 -12.43 -7.03 -19.98
C ILE A 101 -12.68 -7.96 -21.17
N MET A 102 -13.55 -8.96 -20.99
CA MET A 102 -13.76 -9.95 -22.05
C MET A 102 -14.45 -9.33 -23.27
N GLU A 103 -15.22 -8.29 -23.02
CA GLU A 103 -16.04 -7.74 -24.10
C GLU A 103 -15.55 -6.39 -24.64
N ALA A 104 -14.84 -5.58 -23.84
CA ALA A 104 -14.50 -4.21 -24.28
C ALA A 104 -13.60 -4.17 -25.51
N ALA A 105 -13.84 -3.20 -26.38
CA ALA A 105 -13.00 -3.06 -27.57
C ALA A 105 -11.73 -2.31 -27.19
N ASP A 106 -10.65 -2.63 -27.90
CA ASP A 106 -9.37 -1.91 -27.79
C ASP A 106 -9.52 -0.40 -27.85
N GLU A 107 -10.44 0.09 -28.67
CA GLU A 107 -10.63 1.54 -28.80
C GLU A 107 -11.12 2.22 -27.53
N LYS A 108 -11.85 1.46 -26.71
CA LYS A 108 -12.31 1.96 -25.42
C LYS A 108 -11.15 2.10 -24.45
N TRP A 109 -10.28 1.08 -24.39
CA TRP A 109 -9.04 1.17 -23.61
C TRP A 109 -8.25 2.42 -24.03
N GLN A 110 -8.12 2.60 -25.34
CA GLN A 110 -7.36 3.74 -25.87
C GLN A 110 -7.98 5.08 -25.44
N PHE A 111 -9.31 5.13 -25.45
CA PHE A 111 -10.04 6.36 -25.16
C PHE A 111 -9.70 6.80 -23.75
N TYR A 112 -9.78 5.89 -22.79
CA TYR A 112 -9.51 6.24 -21.40
C TYR A 112 -8.06 6.54 -21.13
N TRP A 113 -7.17 5.89 -21.86
CA TRP A 113 -5.73 6.14 -21.73
C TRP A 113 -5.44 7.57 -22.16
N GLU A 114 -6.04 7.98 -23.28
CA GLU A 114 -5.82 9.36 -23.79
C GLU A 114 -6.42 10.42 -22.88
N LEU A 115 -7.58 10.13 -22.31
CA LEU A 115 -8.34 11.09 -21.50
C LEU A 115 -7.75 11.28 -20.12
N LEU A 116 -7.45 10.16 -19.47
CA LEU A 116 -7.06 10.20 -18.05
C LEU A 116 -5.55 10.30 -17.86
N VAL A 117 -4.80 9.66 -18.74
CA VAL A 117 -3.34 9.65 -18.60
C VAL A 117 -2.67 10.64 -19.56
N MET A 118 -2.91 10.49 -20.86
CA MET A 118 -2.15 11.33 -21.80
C MET A 118 -2.50 12.81 -21.66
N ALA A 119 -3.72 13.16 -21.24
CA ALA A 119 -4.01 14.58 -20.99
C ALA A 119 -3.06 15.15 -19.94
N ALA A 120 -2.83 14.38 -18.87
CA ALA A 120 -1.97 14.84 -17.79
C ALA A 120 -0.51 14.93 -18.25
N VAL A 121 -0.07 13.96 -19.05
CA VAL A 121 1.27 13.96 -19.62
C VAL A 121 1.48 15.21 -20.47
N ARG A 122 0.54 15.43 -21.38
CA ARG A 122 0.65 16.50 -22.35
C ARG A 122 0.52 17.85 -21.70
N LEU A 123 -0.37 17.97 -20.73
CA LEU A 123 -0.50 19.24 -19.97
C LEU A 123 0.73 19.55 -19.14
N ALA A 124 1.36 18.53 -18.55
CA ALA A 124 2.62 18.78 -17.82
C ALA A 124 3.71 19.26 -18.77
N ARG A 125 3.90 18.58 -19.91
CA ARG A 125 4.90 19.01 -20.91
C ARG A 125 4.64 20.44 -21.34
N GLY A 126 3.36 20.75 -21.51
CA GLY A 126 2.98 22.04 -22.09
C GLY A 126 3.01 23.19 -21.10
N LEU A 127 2.70 22.93 -19.83
CA LEU A 127 2.61 24.02 -18.83
C LEU A 127 3.75 24.11 -17.82
N VAL A 128 4.45 23.01 -17.60
CA VAL A 128 5.60 23.05 -16.66
C VAL A 128 6.64 24.14 -17.00
N PRO A 129 6.98 24.34 -18.29
CA PRO A 129 7.98 25.38 -18.61
C PRO A 129 7.54 26.77 -18.14
N GLY A 130 6.25 27.07 -18.25
CA GLY A 130 5.72 28.38 -17.83
C GLY A 130 5.74 28.51 -16.32
N MET A 131 5.38 27.41 -15.65
CA MET A 131 5.36 27.33 -14.20
C MET A 131 6.78 27.50 -13.67
N ARG A 132 7.74 26.80 -14.29
CA ARG A 132 9.15 26.91 -13.89
C ARG A 132 9.59 28.38 -13.96
N ALA A 133 9.30 29.01 -15.10
CA ALA A 133 9.65 30.42 -15.32
C ALA A 133 9.00 31.40 -14.33
N ARG A 134 7.83 31.03 -13.80
CA ARG A 134 7.16 31.87 -12.79
C ARG A 134 7.67 31.67 -11.37
N GLY A 135 8.54 30.68 -11.19
CA GLY A 135 9.18 30.41 -9.91
C GLY A 135 8.67 29.19 -9.20
N GLY A 136 7.75 28.46 -9.84
CA GLY A 136 7.32 27.18 -9.31
C GLY A 136 5.82 27.05 -9.45
N GLY A 137 5.24 26.06 -8.79
CA GLY A 137 3.80 25.88 -8.92
C GLY A 137 3.31 24.65 -8.22
N ALA A 138 2.04 24.35 -8.48
CA ALA A 138 1.40 23.17 -7.90
C ALA A 138 0.61 22.48 -9.00
N ILE A 139 0.67 21.15 -9.02
CA ILE A 139 -0.08 20.33 -9.98
C ILE A 139 -0.76 19.25 -9.18
N ILE A 140 -2.06 19.08 -9.41
CA ILE A 140 -2.81 18.01 -8.75
C ILE A 140 -3.44 17.16 -9.80
N HIS A 141 -3.42 15.85 -9.55
CA HIS A 141 -4.12 14.90 -10.40
C HIS A 141 -5.26 14.35 -9.57
N ASN A 142 -6.49 14.51 -10.08
CA ASN A 142 -7.69 13.94 -9.49
C ASN A 142 -7.81 12.56 -10.09
N ALA A 143 -7.34 11.55 -9.36
CA ALA A 143 -7.50 10.19 -9.83
C ALA A 143 -8.81 9.62 -9.27
N SER A 144 -8.76 8.75 -8.27
CA SER A 144 -9.98 8.13 -7.73
C SER A 144 -9.57 7.10 -6.69
N ILE A 145 -10.46 6.84 -5.73
CA ILE A 145 -10.25 5.64 -4.88
C ILE A 145 -10.00 4.37 -5.73
N CYS A 146 -10.58 4.32 -6.94
CA CYS A 146 -10.45 3.17 -7.86
C CYS A 146 -9.04 2.93 -8.35
N ALA A 147 -8.18 3.94 -8.21
CA ALA A 147 -6.77 3.79 -8.57
C ALA A 147 -6.04 2.78 -7.69
N VAL A 148 -6.59 2.48 -6.51
CA VAL A 148 -6.04 1.42 -5.64
C VAL A 148 -7.08 0.37 -5.27
N GLN A 149 -8.35 0.77 -5.22
CA GLN A 149 -9.38 -0.19 -4.81
C GLN A 149 -10.43 -0.28 -5.92
N PRO A 150 -10.23 -1.22 -6.85
CA PRO A 150 -10.97 -1.21 -8.12
C PRO A 150 -12.43 -1.52 -7.90
N LEU A 151 -13.32 -0.79 -8.59
CA LEU A 151 -14.76 -1.13 -8.58
C LEU A 151 -15.02 -2.15 -9.68
N TRP A 152 -15.79 -3.19 -9.39
CA TRP A 152 -15.92 -4.32 -10.31
C TRP A 152 -16.38 -3.98 -11.73
N TYR A 153 -17.25 -2.98 -11.86
CA TYR A 153 -17.90 -2.68 -13.14
C TYR A 153 -17.07 -1.87 -14.12
N GLU A 154 -15.95 -1.31 -13.68
CA GLU A 154 -15.21 -0.37 -14.53
C GLU A 154 -13.69 -0.61 -14.58
N PRO A 155 -13.30 -1.81 -15.08
CA PRO A 155 -11.88 -2.17 -15.16
C PRO A 155 -11.02 -1.17 -15.95
N ILE A 156 -11.53 -0.67 -17.08
CA ILE A 156 -10.76 0.31 -17.87
C ILE A 156 -10.45 1.55 -17.05
N TYR A 157 -11.47 2.11 -16.42
CA TYR A 157 -11.27 3.23 -15.48
C TYR A 157 -10.28 2.89 -14.37
N ASN A 158 -10.40 1.69 -13.79
CA ASN A 158 -9.51 1.31 -12.67
C ASN A 158 -8.05 1.33 -13.11
N VAL A 159 -7.77 0.66 -14.23
CA VAL A 159 -6.43 0.55 -14.80
C VAL A 159 -5.85 1.93 -15.15
N THR A 160 -6.64 2.77 -15.81
CA THR A 160 -6.13 4.07 -16.27
C THR A 160 -6.00 5.07 -15.12
N LYS A 161 -6.91 5.01 -14.13
CA LYS A 161 -6.74 5.79 -12.90
C LYS A 161 -5.52 5.35 -12.10
N ALA A 162 -5.24 4.04 -12.05
CA ALA A 162 -3.98 3.54 -11.42
C ALA A 162 -2.76 4.10 -12.15
N ALA A 163 -2.82 4.10 -13.48
CA ALA A 163 -1.72 4.66 -14.26
C ALA A 163 -1.51 6.14 -13.93
N LEU A 164 -2.61 6.87 -13.80
CA LEU A 164 -2.56 8.31 -13.51
C LEU A 164 -1.96 8.58 -12.14
N MET A 165 -2.35 7.78 -11.17
CA MET A 165 -1.75 7.89 -9.84
C MET A 165 -0.24 7.66 -9.88
N MET A 166 0.23 6.66 -10.63
CA MET A 166 1.68 6.51 -10.79
C MET A 166 2.27 7.68 -11.56
N PHE A 167 1.59 8.16 -12.59
CA PHE A 167 2.12 9.30 -13.33
C PHE A 167 2.37 10.49 -12.39
N SER A 168 1.39 10.76 -11.52
CA SER A 168 1.51 11.87 -10.55
C SER A 168 2.83 11.74 -9.75
N LYS A 169 3.09 10.53 -9.25
CA LYS A 169 4.30 10.26 -8.45
C LYS A 169 5.58 10.49 -9.23
N THR A 170 5.60 10.00 -10.46
CA THR A 170 6.80 10.17 -11.31
C THR A 170 7.03 11.61 -11.69
N LEU A 171 5.94 12.33 -11.96
CA LEU A 171 6.07 13.74 -12.28
C LEU A 171 6.58 14.51 -11.07
N ALA A 172 6.07 14.17 -9.87
CA ALA A 172 6.47 14.88 -8.66
C ALA A 172 7.98 14.83 -8.45
N THR A 173 8.59 13.66 -8.69
CA THR A 173 10.02 13.55 -8.45
C THR A 173 10.82 14.29 -9.51
N GLU A 174 10.27 14.38 -10.72
CA GLU A 174 10.93 15.06 -11.82
C GLU A 174 10.94 16.57 -11.69
N VAL A 175 9.86 17.17 -11.19
CA VAL A 175 9.73 18.65 -11.24
C VAL A 175 9.90 19.36 -9.90
N ILE A 176 10.11 18.58 -8.82
CA ILE A 176 10.30 19.23 -7.53
C ILE A 176 11.54 20.16 -7.58
N LYS A 177 12.53 19.80 -8.40
CA LYS A 177 13.73 20.64 -8.59
C LYS A 177 13.35 22.06 -9.10
N ASP A 178 12.18 22.17 -9.75
CA ASP A 178 11.67 23.44 -10.26
C ASP A 178 10.74 24.17 -9.29
N ASN A 179 10.69 23.70 -8.04
CA ASN A 179 9.76 24.23 -7.05
C ASN A 179 8.32 24.00 -7.50
N ILE A 180 8.09 22.92 -8.23
CA ILE A 180 6.73 22.57 -8.62
C ILE A 180 6.35 21.34 -7.80
N ARG A 181 5.26 21.44 -7.05
CA ARG A 181 4.82 20.38 -6.15
C ARG A 181 3.65 19.64 -6.77
N VAL A 182 3.81 18.33 -6.99
CA VAL A 182 2.81 17.53 -7.65
C VAL A 182 2.23 16.51 -6.68
N ASN A 183 0.90 16.47 -6.58
CA ASN A 183 0.25 15.47 -5.75
C ASN A 183 -0.99 14.91 -6.39
N CYS A 184 -1.52 13.83 -5.81
CA CYS A 184 -2.69 13.16 -6.35
C CYS A 184 -3.77 13.20 -5.27
N ILE A 185 -5.02 13.44 -5.66
CA ILE A 185 -6.15 13.26 -4.75
C ILE A 185 -7.02 12.14 -5.30
N ASN A 186 -7.47 11.25 -4.40
CA ASN A 186 -8.27 10.09 -4.75
C ASN A 186 -9.62 10.18 -4.05
N PRO A 187 -10.62 10.72 -4.75
CA PRO A 187 -11.94 10.85 -4.12
C PRO A 187 -12.69 9.55 -4.07
N GLY A 188 -13.57 9.48 -3.06
CA GLY A 188 -14.56 8.41 -2.94
C GLY A 188 -15.85 8.83 -3.63
N LEU A 189 -16.99 8.49 -3.04
CA LEU A 189 -18.27 8.81 -3.64
C LEU A 189 -18.55 10.31 -3.51
N ILE A 190 -18.56 11.00 -4.63
CA ILE A 190 -18.86 12.44 -4.66
C ILE A 190 -20.14 12.67 -5.47
N LEU A 191 -21.13 13.34 -4.87
CA LEU A 191 -22.41 13.48 -5.55
C LEU A 191 -22.32 14.45 -6.73
N THR A 192 -22.33 13.89 -7.93
CA THR A 192 -22.23 14.69 -9.16
C THR A 192 -23.35 14.24 -10.09
N PRO A 193 -23.58 14.97 -11.21
CA PRO A 193 -24.81 14.71 -11.99
C PRO A 193 -24.95 13.30 -12.57
N ASP A 194 -23.85 12.66 -12.98
CA ASP A 194 -23.93 11.32 -13.55
C ASP A 194 -24.41 10.28 -12.53
N TRP A 195 -24.13 10.50 -11.25
CA TRP A 195 -24.61 9.59 -10.21
C TRP A 195 -26.13 9.65 -10.15
N ILE A 196 -26.68 10.87 -10.26
CA ILE A 196 -28.14 11.02 -10.24
C ILE A 196 -28.76 10.39 -11.49
N LYS A 197 -28.20 10.69 -12.66
CA LYS A 197 -28.65 10.05 -13.91
C LYS A 197 -28.62 8.51 -13.80
N THR A 198 -27.51 7.97 -13.27
CA THR A 198 -27.35 6.51 -13.15
C THR A 198 -28.41 5.95 -12.18
N ALA A 199 -28.58 6.62 -11.05
CA ALA A 199 -29.55 6.21 -10.03
C ALA A 199 -30.98 6.12 -10.62
N LYS A 200 -31.33 7.10 -11.45
CA LYS A 200 -32.62 7.09 -12.16
C LYS A 200 -32.76 5.93 -13.15
N GLU A 201 -31.73 5.74 -13.97
CA GLU A 201 -31.71 4.63 -14.93
C GLU A 201 -31.86 3.29 -14.24
N LEU A 202 -31.14 3.12 -13.14
CA LEU A 202 -31.13 1.81 -12.46
C LEU A 202 -32.38 1.54 -11.64
N THR A 203 -33.14 2.59 -11.32
CA THR A 203 -34.40 2.41 -10.61
C THR A 203 -35.63 2.58 -11.49
N LYS A 204 -35.44 2.68 -12.82
CA LYS A 204 -36.57 2.96 -13.72
C LYS A 204 -37.67 1.89 -13.63
N ASP A 205 -37.28 0.66 -13.34
CA ASP A 205 -38.24 -0.46 -13.39
C ASP A 205 -38.61 -1.00 -12.01
N ASN A 206 -38.14 -0.36 -10.94
CA ASN A 206 -38.45 -0.86 -9.60
C ASN A 206 -38.97 0.21 -8.62
N GLY A 207 -39.54 1.29 -9.15
CA GLY A 207 -40.16 2.31 -8.32
C GLY A 207 -39.57 3.71 -8.40
N GLY A 208 -38.47 3.85 -9.14
CA GLY A 208 -37.83 5.17 -9.34
C GLY A 208 -37.28 5.87 -8.11
N ASP A 209 -37.02 5.12 -7.03
CA ASP A 209 -36.49 5.76 -5.81
C ASP A 209 -34.99 5.96 -5.96
N TRP A 210 -34.62 6.97 -6.73
CA TRP A 210 -33.20 7.16 -7.08
C TRP A 210 -32.37 7.59 -5.88
N LYS A 211 -32.98 8.36 -4.96
CA LYS A 211 -32.26 8.76 -3.76
C LYS A 211 -31.98 7.52 -2.90
N GLY A 212 -32.94 6.59 -2.85
CA GLY A 212 -32.74 5.31 -2.13
C GLY A 212 -31.61 4.48 -2.69
N TYR A 213 -31.50 4.46 -4.02
CA TYR A 213 -30.41 3.79 -4.70
C TYR A 213 -29.09 4.38 -4.27
N LEU A 214 -28.97 5.70 -4.35
CA LEU A 214 -27.73 6.37 -3.91
C LEU A 214 -27.40 6.09 -2.45
N GLN A 215 -28.42 6.10 -1.59
CA GLN A 215 -28.19 5.80 -0.17
C GLN A 215 -27.67 4.36 0.02
N SER A 216 -28.15 3.43 -0.79
CA SER A 216 -27.66 2.05 -0.68
C SER A 216 -26.22 1.94 -1.16
N VAL A 217 -25.87 2.71 -2.20
CA VAL A 217 -24.47 2.80 -2.66
C VAL A 217 -23.55 3.29 -1.54
N ALA A 218 -23.98 4.39 -0.89
CA ALA A 218 -23.21 4.94 0.24
C ALA A 218 -23.15 3.97 1.41
N ASP A 219 -24.28 3.34 1.76
CA ASP A 219 -24.33 2.34 2.83
C ASP A 219 -23.37 1.18 2.56
N GLU A 220 -23.27 0.76 1.31
CA GLU A 220 -22.40 -0.37 0.96
C GLU A 220 -20.92 0.00 1.03
N HIS A 221 -20.57 1.19 0.56
CA HIS A 221 -19.15 1.52 0.33
C HIS A 221 -18.51 2.41 1.41
N ALA A 222 -19.30 3.26 2.06
CA ALA A 222 -18.70 4.30 2.92
C ALA A 222 -19.17 4.27 4.36
N PRO A 223 -18.24 4.13 5.32
CA PRO A 223 -18.61 4.17 6.74
C PRO A 223 -19.37 5.45 7.12
N ILE A 224 -19.13 6.56 6.43
CA ILE A 224 -19.80 7.85 6.73
C ILE A 224 -21.28 7.85 6.28
N LYS A 225 -21.63 6.85 5.47
CA LYS A 225 -22.99 6.58 5.02
C LYS A 225 -23.62 7.73 4.25
N ARG A 226 -22.80 8.48 3.51
CA ARG A 226 -23.31 9.50 2.61
C ARG A 226 -22.25 9.79 1.55
N PHE A 227 -22.70 10.41 0.45
CA PHE A 227 -21.81 10.95 -0.58
C PHE A 227 -21.22 12.25 -0.05
N ALA A 228 -20.06 12.65 -0.57
CA ALA A 228 -19.53 14.01 -0.36
C ALA A 228 -20.19 14.99 -1.32
N SER A 229 -20.19 16.26 -0.97
CA SER A 229 -20.54 17.28 -1.94
C SER A 229 -19.26 17.63 -2.68
N PRO A 230 -19.39 18.07 -3.94
CA PRO A 230 -18.21 18.56 -4.64
C PRO A 230 -17.48 19.67 -3.89
N GLU A 231 -18.24 20.58 -3.23
CA GLU A 231 -17.62 21.68 -2.46
C GLU A 231 -16.74 21.13 -1.34
N GLU A 232 -17.22 20.10 -0.63
CA GLU A 232 -16.41 19.56 0.45
C GLU A 232 -15.11 18.96 -0.09
N LEU A 233 -15.18 18.28 -1.25
CA LEU A 233 -13.95 17.78 -1.87
C LEU A 233 -13.02 18.90 -2.33
N ALA A 234 -13.61 19.92 -2.95
CA ALA A 234 -12.84 21.04 -3.51
C ALA A 234 -11.94 21.69 -2.47
N ASN A 235 -12.38 21.74 -1.21
CA ASN A 235 -11.52 22.32 -0.16
C ASN A 235 -10.13 21.68 -0.13
N PHE A 236 -10.06 20.38 -0.35
CA PHE A 236 -8.77 19.68 -0.26
C PHE A 236 -7.85 20.07 -1.42
N PHE A 237 -8.43 20.29 -2.61
CA PHE A 237 -7.66 20.71 -3.76
C PHE A 237 -7.07 22.10 -3.52
N VAL A 238 -7.89 22.98 -2.96
CA VAL A 238 -7.45 24.35 -2.70
C VAL A 238 -6.34 24.33 -1.68
N PHE A 239 -6.54 23.62 -0.57
CA PHE A 239 -5.47 23.47 0.43
C PHE A 239 -4.19 22.94 -0.20
N LEU A 240 -4.28 21.85 -0.96
CA LEU A 240 -3.05 21.24 -1.48
C LEU A 240 -2.28 22.14 -2.48
N CYS A 241 -2.98 23.03 -3.19
CA CYS A 241 -2.29 23.96 -4.09
C CYS A 241 -1.89 25.29 -3.45
N SER A 242 -2.01 25.39 -2.12
CA SER A 242 -1.82 26.66 -1.41
C SER A 242 -0.43 26.78 -0.82
N GLU A 243 -0.13 27.96 -0.30
CA GLU A 243 1.16 28.21 0.36
C GLU A 243 1.24 27.53 1.72
N ARG A 244 0.16 26.86 2.12
CA ARG A 244 0.14 26.15 3.41
C ARG A 244 0.49 24.68 3.28
N ALA A 245 0.64 24.19 2.05
CA ALA A 245 0.93 22.75 1.84
C ALA A 245 2.28 22.55 1.16
N THR A 246 3.28 23.28 1.63
CA THR A 246 4.54 23.37 0.91
C THR A 246 5.50 22.19 1.09
N TYR A 247 5.11 21.21 1.90
CA TYR A 247 5.93 20.00 2.07
C TYR A 247 5.25 18.75 1.51
N SER A 248 4.10 18.97 0.87
CA SER A 248 3.39 17.88 0.20
C SER A 248 3.99 17.69 -1.19
N VAL A 249 4.72 16.58 -1.37
CA VAL A 249 5.38 16.26 -2.63
C VAL A 249 5.20 14.78 -2.98
N GLY A 250 4.59 14.51 -4.12
CA GLY A 250 4.47 13.10 -4.57
C GLY A 250 3.56 12.21 -3.72
N SER A 251 2.56 12.81 -3.09
CA SER A 251 1.70 12.07 -2.21
C SER A 251 0.37 11.83 -2.87
N ALA A 252 -0.39 10.88 -2.34
CA ALA A 252 -1.73 10.58 -2.79
C ALA A 252 -2.59 10.71 -1.56
N TYR A 253 -3.56 11.60 -1.65
CA TYR A 253 -4.44 11.90 -0.54
C TYR A 253 -5.84 11.42 -0.84
N PHE A 254 -6.32 10.48 -0.05
CA PHE A 254 -7.68 9.93 -0.28
C PHE A 254 -8.69 10.77 0.46
N VAL A 255 -9.81 11.11 -0.19
CA VAL A 255 -10.85 11.88 0.47
C VAL A 255 -12.13 11.09 0.22
N ASP A 256 -12.45 10.17 1.13
CA ASP A 256 -13.31 9.04 0.72
C ASP A 256 -14.31 8.57 1.76
N GLY A 257 -14.43 9.31 2.87
CA GLY A 257 -15.50 8.99 3.88
C GLY A 257 -15.37 7.61 4.50
N GLY A 258 -14.14 7.08 4.47
CA GLY A 258 -13.82 5.75 5.00
C GLY A 258 -13.88 4.61 4.00
N MET A 259 -14.15 4.93 2.74
CA MET A 259 -14.37 3.89 1.71
C MET A 259 -13.14 2.99 1.46
N LEU A 260 -11.93 3.52 1.59
CA LEU A 260 -10.75 2.69 1.43
C LEU A 260 -10.66 1.67 2.56
N LYS A 261 -10.59 0.38 2.20
CA LYS A 261 -10.73 -0.65 3.22
C LYS A 261 -9.41 -1.05 3.88
N THR A 262 -8.31 -0.59 3.31
CA THR A 262 -6.99 -0.92 3.80
C THR A 262 -6.31 0.32 4.33
N LEU A 263 -5.19 0.11 5.00
CA LEU A 263 -4.36 1.20 5.49
C LEU A 263 -4.01 2.21 4.39
N MET B 1 8.03 -31.27 -3.72
CA MET B 1 6.59 -30.92 -3.72
C MET B 1 6.09 -31.05 -5.15
N ASP B 2 5.07 -31.88 -5.35
CA ASP B 2 4.47 -32.07 -6.70
C ASP B 2 3.73 -30.81 -7.11
N MET B 3 4.03 -30.33 -8.32
CA MET B 3 3.41 -29.10 -8.85
C MET B 3 2.11 -29.42 -9.60
N GLY B 4 2.00 -30.66 -10.06
CA GLY B 4 0.77 -31.12 -10.73
C GLY B 4 0.49 -30.40 -12.03
N ILE B 5 1.54 -30.07 -12.76
CA ILE B 5 1.34 -29.39 -14.05
C ILE B 5 1.85 -30.19 -15.26
N SER B 6 2.19 -31.47 -15.04
CA SER B 6 2.66 -32.32 -16.14
C SER B 6 1.57 -32.39 -17.20
N GLY B 7 1.94 -32.21 -18.46
CA GLY B 7 0.96 -32.24 -19.55
C GLY B 7 0.11 -30.99 -19.72
N LYS B 8 0.27 -29.98 -18.85
CA LYS B 8 -0.46 -28.70 -19.04
C LYS B 8 0.21 -27.86 -20.13
N VAL B 9 -0.54 -26.94 -20.72
CA VAL B 9 -0.03 -26.13 -21.82
C VAL B 9 0.25 -24.74 -21.29
N ALA B 10 1.50 -24.30 -21.34
CA ALA B 10 1.87 -22.99 -20.78
C ALA B 10 2.36 -22.04 -21.88
N VAL B 11 1.70 -20.89 -22.00
CA VAL B 11 2.09 -19.87 -22.96
C VAL B 11 2.89 -18.83 -22.19
N ILE B 12 4.15 -18.59 -22.61
CA ILE B 12 5.02 -17.59 -21.95
C ILE B 12 5.43 -16.53 -22.98
N THR B 13 5.00 -15.29 -22.79
CA THR B 13 5.36 -14.26 -23.78
C THR B 13 6.77 -13.78 -23.51
N GLY B 14 7.50 -13.45 -24.57
CA GLY B 14 8.89 -13.00 -24.42
C GLY B 14 9.79 -14.03 -23.78
N SER B 15 9.84 -15.24 -24.37
CA SER B 15 10.46 -16.36 -23.71
C SER B 15 11.64 -16.93 -24.48
N SER B 16 12.26 -16.13 -25.34
CA SER B 16 13.45 -16.58 -26.06
C SER B 16 14.72 -16.22 -25.32
N SER B 17 14.60 -15.41 -24.28
CA SER B 17 15.76 -15.06 -23.46
C SER B 17 15.34 -14.52 -22.09
N GLY B 18 16.33 -14.31 -21.22
CA GLY B 18 16.10 -13.70 -19.90
C GLY B 18 15.09 -14.43 -19.02
N ILE B 19 14.27 -13.67 -18.34
CA ILE B 19 13.32 -14.23 -17.40
C ILE B 19 12.33 -15.16 -18.08
N GLY B 20 11.81 -14.75 -19.23
CA GLY B 20 10.78 -15.56 -19.90
C GLY B 20 11.30 -16.95 -20.29
N LEU B 21 12.55 -17.00 -20.76
CA LEU B 21 13.19 -18.27 -21.07
C LEU B 21 13.35 -19.13 -19.83
N ALA B 22 13.78 -18.51 -18.73
CA ALA B 22 13.92 -19.25 -17.47
C ALA B 22 12.58 -19.79 -16.98
N ILE B 23 11.50 -19.02 -17.15
CA ILE B 23 10.17 -19.49 -16.74
C ILE B 23 9.78 -20.71 -17.60
N ALA B 24 10.00 -20.61 -18.92
CA ALA B 24 9.71 -21.73 -19.83
C ALA B 24 10.45 -23.01 -19.42
N GLU B 25 11.73 -22.87 -19.09
CA GLU B 25 12.56 -24.01 -18.65
C GLU B 25 12.02 -24.56 -17.35
N GLY B 26 11.58 -23.67 -16.45
CA GLY B 26 10.99 -24.14 -15.18
C GLY B 26 9.69 -24.95 -15.39
N PHE B 27 8.81 -24.48 -16.28
CA PHE B 27 7.58 -25.23 -16.57
C PHE B 27 7.89 -26.53 -17.29
N ALA B 28 8.86 -26.49 -18.19
CA ALA B 28 9.28 -27.69 -18.96
C ALA B 28 9.83 -28.76 -18.02
N LYS B 29 10.64 -28.33 -17.05
CA LYS B 29 11.16 -29.24 -16.03
C LYS B 29 10.04 -29.98 -15.29
N GLU B 30 8.88 -29.32 -15.19
CA GLU B 30 7.71 -29.90 -14.51
C GLU B 30 6.76 -30.65 -15.45
N GLY B 31 7.21 -30.88 -16.68
CA GLY B 31 6.43 -31.71 -17.63
C GLY B 31 5.40 -30.95 -18.47
N ALA B 32 5.41 -29.62 -18.35
CA ALA B 32 4.47 -28.78 -19.11
C ALA B 32 4.90 -28.61 -20.55
N HIS B 33 3.92 -28.63 -21.44
CA HIS B 33 4.15 -28.26 -22.84
C HIS B 33 4.26 -26.75 -22.91
N ILE B 34 5.04 -26.25 -23.86
CA ILE B 34 5.44 -24.85 -23.85
C ILE B 34 5.12 -24.16 -25.14
N VAL B 35 4.56 -22.95 -25.03
CA VAL B 35 4.38 -22.10 -26.18
C VAL B 35 5.31 -20.92 -25.96
N LEU B 36 6.32 -20.85 -26.82
CA LEU B 36 7.35 -19.82 -26.77
C LEU B 36 7.04 -18.70 -27.76
N VAL B 37 7.12 -17.45 -27.29
CA VAL B 37 6.70 -16.30 -28.08
C VAL B 37 7.76 -15.21 -27.95
N ALA B 38 8.21 -14.70 -29.07
CA ALA B 38 9.17 -13.58 -29.14
C ALA B 38 9.25 -13.11 -30.58
N ARG B 39 9.85 -11.95 -30.81
CA ARG B 39 9.95 -11.40 -32.17
C ARG B 39 11.06 -11.99 -33.01
N GLN B 40 12.28 -12.11 -32.45
CA GLN B 40 13.44 -12.48 -33.25
C GLN B 40 13.44 -13.99 -33.49
N VAL B 41 13.25 -14.36 -34.76
CA VAL B 41 12.98 -15.75 -35.11
C VAL B 41 14.16 -16.67 -34.74
N ASP B 42 15.37 -16.20 -34.99
CA ASP B 42 16.53 -17.10 -34.83
C ASP B 42 16.76 -17.51 -33.39
N ARG B 43 16.74 -16.55 -32.49
CA ARG B 43 16.85 -16.81 -31.07
C ARG B 43 15.71 -17.71 -30.60
N LEU B 44 14.51 -17.42 -31.07
CA LEU B 44 13.35 -18.20 -30.67
C LEU B 44 13.44 -19.65 -31.14
N HIS B 45 13.80 -19.85 -32.41
CA HIS B 45 13.95 -21.18 -33.02
C HIS B 45 14.93 -22.02 -32.23
N GLU B 46 16.07 -21.40 -31.94
CA GLU B 46 17.13 -21.99 -31.14
C GLU B 46 16.65 -22.40 -29.76
N ALA B 47 16.02 -21.47 -29.05
CA ALA B 47 15.55 -21.74 -27.68
C ALA B 47 14.54 -22.90 -27.66
N ALA B 48 13.66 -22.93 -28.66
CA ALA B 48 12.65 -23.98 -28.75
C ALA B 48 13.28 -25.36 -28.92
N ARG B 49 14.23 -25.44 -29.85
CA ARG B 49 14.95 -26.71 -30.08
C ARG B 49 15.60 -27.20 -28.80
N SER B 50 16.36 -26.32 -28.16
CA SER B 50 17.06 -26.60 -26.91
C SER B 50 16.12 -27.10 -25.82
N LEU B 51 14.98 -26.45 -25.67
CA LEU B 51 13.97 -26.89 -24.68
C LEU B 51 13.43 -28.29 -24.95
N LYS B 52 13.00 -28.52 -26.18
CA LYS B 52 12.49 -29.82 -26.62
C LYS B 52 13.51 -30.90 -26.35
N GLU B 53 14.76 -30.65 -26.79
CA GLU B 53 15.85 -31.59 -26.59
C GLU B 53 16.10 -31.94 -25.11
N LYS B 54 16.11 -30.92 -24.25
CA LYS B 54 16.49 -31.03 -22.84
C LYS B 54 15.40 -31.59 -21.92
N PHE B 55 14.14 -31.30 -22.21
CA PHE B 55 13.07 -31.62 -21.27
C PHE B 55 12.04 -32.62 -21.80
N GLY B 56 12.13 -32.90 -23.10
CA GLY B 56 11.22 -33.83 -23.76
C GLY B 56 9.76 -33.47 -23.68
N VAL B 57 9.45 -32.18 -23.74
CA VAL B 57 8.07 -31.75 -23.81
C VAL B 57 7.80 -31.19 -25.20
N ARG B 58 6.54 -30.97 -25.53
CA ARG B 58 6.16 -30.28 -26.77
C ARG B 58 6.49 -28.79 -26.65
N VAL B 59 7.01 -28.19 -27.73
CA VAL B 59 7.32 -26.76 -27.74
C VAL B 59 6.82 -26.17 -29.05
N LEU B 60 6.00 -25.13 -28.95
CA LEU B 60 5.43 -24.47 -30.11
C LEU B 60 6.08 -23.10 -30.17
N GLU B 61 6.64 -22.73 -31.33
CA GLU B 61 7.23 -21.39 -31.53
C GLU B 61 6.28 -20.43 -32.24
N VAL B 62 6.05 -19.25 -31.65
CA VAL B 62 5.25 -18.24 -32.32
C VAL B 62 6.06 -16.97 -32.37
N ALA B 63 6.59 -16.66 -33.54
CA ALA B 63 7.49 -15.53 -33.68
C ALA B 63 6.71 -14.29 -34.14
N VAL B 64 6.23 -13.51 -33.16
CA VAL B 64 5.37 -12.37 -33.41
C VAL B 64 5.63 -11.26 -32.39
N ASP B 65 5.12 -10.07 -32.70
CA ASP B 65 5.19 -8.92 -31.83
C ASP B 65 3.90 -8.86 -31.01
N VAL B 66 3.98 -9.12 -29.69
CA VAL B 66 2.73 -9.18 -28.93
C VAL B 66 2.17 -7.79 -28.59
N ALA B 67 2.91 -6.74 -28.95
CA ALA B 67 2.44 -5.35 -28.81
C ALA B 67 1.43 -4.97 -29.90
N THR B 68 1.14 -5.90 -30.80
CA THR B 68 0.21 -5.64 -31.89
C THR B 68 -0.98 -6.62 -31.79
N PRO B 69 -2.18 -6.19 -32.21
CA PRO B 69 -3.31 -7.11 -32.25
C PRO B 69 -3.04 -8.35 -33.13
N GLU B 70 -2.35 -8.15 -34.26
CA GLU B 70 -2.04 -9.23 -35.22
C GLU B 70 -1.18 -10.32 -34.54
N GLY B 71 -0.19 -9.88 -33.77
CA GLY B 71 0.71 -10.80 -33.05
C GLY B 71 -0.04 -11.62 -32.03
N VAL B 72 -0.88 -10.95 -31.23
CA VAL B 72 -1.70 -11.66 -30.26
C VAL B 72 -2.61 -12.67 -30.97
N ASP B 73 -3.27 -12.26 -32.05
CA ASP B 73 -4.20 -13.17 -32.75
C ASP B 73 -3.46 -14.42 -33.25
N ALA B 74 -2.20 -14.26 -33.66
CA ALA B 74 -1.39 -15.37 -34.16
C ALA B 74 -1.02 -16.34 -33.05
N VAL B 75 -0.73 -15.81 -31.86
CA VAL B 75 -0.53 -16.65 -30.66
C VAL B 75 -1.79 -17.49 -30.39
N VAL B 76 -2.92 -16.82 -30.31
CA VAL B 76 -4.18 -17.48 -29.99
C VAL B 76 -4.53 -18.56 -31.01
N GLU B 77 -4.36 -18.24 -32.28
CA GLU B 77 -4.65 -19.22 -33.35
C GLU B 77 -3.69 -20.42 -33.35
N SER B 78 -2.40 -20.16 -33.14
CA SER B 78 -1.44 -21.25 -33.09
C SER B 78 -1.68 -22.16 -31.88
N VAL B 79 -2.01 -21.58 -30.73
CA VAL B 79 -2.34 -22.36 -29.55
C VAL B 79 -3.57 -23.21 -29.83
N ARG B 80 -4.57 -22.62 -30.50
CA ARG B 80 -5.81 -23.33 -30.77
C ARG B 80 -5.56 -24.56 -31.67
N SER B 81 -4.77 -24.36 -32.72
CA SER B 81 -4.50 -25.41 -33.69
C SER B 81 -3.66 -26.56 -33.14
N SER B 82 -2.68 -26.23 -32.32
CA SER B 82 -1.73 -27.23 -31.87
C SER B 82 -2.22 -27.94 -30.62
N PHE B 83 -2.85 -27.19 -29.73
CA PHE B 83 -3.15 -27.69 -28.38
C PHE B 83 -4.61 -27.68 -27.99
N GLY B 84 -5.43 -26.90 -28.72
CA GLY B 84 -6.84 -26.70 -28.38
C GLY B 84 -7.03 -25.44 -27.55
N GLY B 85 -6.15 -25.24 -26.56
CA GLY B 85 -6.24 -24.14 -25.62
C GLY B 85 -5.05 -24.17 -24.69
N ALA B 86 -4.97 -23.15 -23.83
CA ALA B 86 -3.90 -22.99 -22.86
C ALA B 86 -4.42 -23.25 -21.46
N ASP B 87 -3.57 -23.78 -20.60
CA ASP B 87 -3.90 -23.90 -19.17
C ASP B 87 -3.24 -22.80 -18.36
N ILE B 88 -2.14 -22.26 -18.88
CA ILE B 88 -1.31 -21.31 -18.13
C ILE B 88 -0.91 -20.24 -19.11
N LEU B 89 -1.01 -18.98 -18.69
CA LEU B 89 -0.48 -17.86 -19.47
C LEU B 89 0.42 -16.98 -18.58
N VAL B 90 1.63 -16.73 -19.03
CA VAL B 90 2.51 -15.77 -18.36
C VAL B 90 2.80 -14.61 -19.30
N ASN B 91 2.37 -13.42 -18.88
CA ASN B 91 2.62 -12.19 -19.62
C ASN B 91 3.95 -11.67 -19.14
N ASN B 92 4.95 -11.76 -20.01
CA ASN B 92 6.33 -11.44 -19.59
C ASN B 92 7.02 -10.50 -20.55
N ALA B 93 6.64 -10.54 -21.83
CA ALA B 93 7.28 -9.68 -22.83
C ALA B 93 7.30 -8.21 -22.41
N GLY B 94 8.47 -7.60 -22.39
CA GLY B 94 8.55 -6.20 -22.01
C GLY B 94 10.00 -5.76 -22.00
N THR B 95 10.22 -4.48 -21.71
CA THR B 95 11.57 -3.95 -21.65
C THR B 95 11.50 -2.68 -20.81
N GLY B 96 12.65 -2.25 -20.28
CA GLY B 96 12.70 -1.02 -19.46
C GLY B 96 12.53 0.22 -20.32
N SER B 97 12.38 1.37 -19.67
CA SER B 97 12.41 2.64 -20.40
C SER B 97 13.56 3.50 -19.91
N ASN B 98 13.61 4.75 -20.41
CA ASN B 98 14.72 5.65 -20.12
C ASN B 98 14.39 7.00 -20.75
N GLU B 99 13.85 7.92 -19.95
CA GLU B 99 13.48 9.24 -20.46
C GLU B 99 13.11 10.16 -19.34
N THR B 100 12.87 11.42 -19.68
CA THR B 100 12.15 12.30 -18.77
C THR B 100 10.74 12.49 -19.31
N ILE B 101 9.78 12.78 -18.43
CA ILE B 101 8.44 13.12 -18.89
C ILE B 101 8.45 14.35 -19.80
N MET B 102 9.32 15.31 -19.48
CA MET B 102 9.29 16.59 -20.19
C MET B 102 9.78 16.42 -21.63
N GLU B 103 10.59 15.37 -21.84
CA GLU B 103 11.19 15.16 -23.16
C GLU B 103 10.61 14.05 -24.00
N ALA B 104 9.98 13.05 -23.38
CA ALA B 104 9.52 11.88 -24.13
C ALA B 104 8.39 12.20 -25.11
N ALA B 105 8.41 11.49 -26.24
CA ALA B 105 7.42 11.71 -27.27
C ALA B 105 6.16 10.92 -26.93
N ASP B 106 5.00 11.44 -27.33
CA ASP B 106 3.73 10.67 -27.21
C ASP B 106 3.86 9.24 -27.71
N GLU B 107 4.50 9.05 -28.86
CA GLU B 107 4.62 7.70 -29.43
C GLU B 107 5.34 6.71 -28.50
N LYS B 108 6.27 7.20 -27.68
CA LYS B 108 6.94 6.33 -26.70
C LYS B 108 5.99 5.86 -25.61
N TRP B 109 5.14 6.78 -25.10
CA TRP B 109 4.10 6.41 -24.13
C TRP B 109 3.21 5.31 -24.73
N GLN B 110 2.85 5.50 -25.99
CA GLN B 110 1.95 4.56 -26.68
C GLN B 110 2.61 3.19 -26.83
N PHE B 111 3.91 3.21 -27.12
CA PHE B 111 4.66 1.98 -27.35
C PHE B 111 4.59 1.08 -26.10
N TYR B 112 4.82 1.68 -24.92
CA TYR B 112 4.82 0.92 -23.69
C TYR B 112 3.42 0.49 -23.24
N TRP B 113 2.44 1.34 -23.54
CA TRP B 113 1.04 1.01 -23.26
C TRP B 113 0.67 -0.25 -24.05
N GLU B 114 1.00 -0.26 -25.33
CA GLU B 114 0.70 -1.42 -26.20
C GLU B 114 1.42 -2.70 -25.77
N LEU B 115 2.71 -2.55 -25.41
CA LEU B 115 3.57 -3.68 -25.05
C LEU B 115 3.22 -4.28 -23.69
N LEU B 116 3.11 -3.43 -22.67
CA LEU B 116 2.96 -3.95 -21.30
C LEU B 116 1.51 -4.12 -20.87
N VAL B 117 0.61 -3.27 -21.38
CA VAL B 117 -0.78 -3.33 -20.93
C VAL B 117 -1.65 -4.02 -21.97
N MET B 118 -1.64 -3.48 -23.18
CA MET B 118 -2.58 -4.02 -24.19
C MET B 118 -2.27 -5.46 -24.57
N ALA B 119 -1.00 -5.87 -24.54
CA ALA B 119 -0.68 -7.29 -24.74
C ALA B 119 -1.44 -8.20 -23.78
N ALA B 120 -1.46 -7.83 -22.49
CA ALA B 120 -2.14 -8.64 -21.48
C ALA B 120 -3.67 -8.60 -21.65
N VAL B 121 -4.20 -7.44 -21.99
CA VAL B 121 -5.64 -7.30 -22.30
C VAL B 121 -6.01 -8.22 -23.46
N ARG B 122 -5.23 -8.14 -24.54
CA ARG B 122 -5.56 -8.88 -25.74
C ARG B 122 -5.36 -10.38 -25.58
N LEU B 123 -4.30 -10.77 -24.89
CA LEU B 123 -4.06 -12.20 -24.60
C LEU B 123 -5.09 -12.79 -23.66
N ALA B 124 -5.53 -12.00 -22.69
CA ALA B 124 -6.64 -12.47 -21.83
C ALA B 124 -7.90 -12.68 -22.63
N ARG B 125 -8.28 -11.69 -23.46
CA ARG B 125 -9.47 -11.83 -24.30
C ARG B 125 -9.37 -13.07 -25.18
N GLY B 126 -8.19 -13.31 -25.73
CA GLY B 126 -7.98 -14.37 -26.68
C GLY B 126 -7.91 -15.76 -26.09
N LEU B 127 -7.30 -15.87 -24.92
CA LEU B 127 -7.01 -17.20 -24.34
C LEU B 127 -7.93 -17.64 -23.21
N VAL B 128 -8.60 -16.71 -22.54
CA VAL B 128 -9.49 -17.05 -21.42
C VAL B 128 -10.63 -18.01 -21.84
N PRO B 129 -11.22 -17.81 -23.03
CA PRO B 129 -12.32 -18.73 -23.38
C PRO B 129 -11.87 -20.18 -23.52
N GLY B 130 -10.68 -20.41 -24.07
CA GLY B 130 -10.13 -21.75 -24.19
C GLY B 130 -9.75 -22.34 -22.85
N MET B 131 -9.25 -21.47 -21.97
CA MET B 131 -8.93 -21.84 -20.60
C MET B 131 -10.17 -22.20 -19.82
N ARG B 132 -11.22 -21.39 -19.95
CA ARG B 132 -12.51 -21.68 -19.32
C ARG B 132 -13.02 -23.07 -19.74
N ALA B 133 -12.96 -23.35 -21.04
CA ALA B 133 -13.43 -24.64 -21.60
C ALA B 133 -12.62 -25.85 -21.14
N ARG B 134 -11.36 -25.62 -20.79
CA ARG B 134 -10.51 -26.67 -20.25
C ARG B 134 -10.70 -26.90 -18.74
N GLY B 135 -11.50 -26.04 -18.11
CA GLY B 135 -11.88 -26.20 -16.71
C GLY B 135 -11.20 -25.24 -15.76
N GLY B 136 -10.38 -24.35 -16.31
CA GLY B 136 -9.75 -23.31 -15.48
C GLY B 136 -8.32 -23.10 -15.90
N GLY B 137 -7.56 -22.38 -15.08
CA GLY B 137 -6.21 -22.04 -15.51
C GLY B 137 -5.56 -21.08 -14.57
N ALA B 138 -4.39 -20.61 -14.98
CA ALA B 138 -3.62 -19.64 -14.19
C ALA B 138 -3.04 -18.64 -15.17
N ILE B 139 -3.06 -17.36 -14.79
CA ILE B 139 -2.48 -16.30 -15.56
C ILE B 139 -1.61 -15.49 -14.60
N ILE B 140 -0.38 -15.22 -15.03
CA ILE B 140 0.51 -14.39 -14.24
C ILE B 140 0.93 -13.19 -15.07
N HIS B 141 0.93 -12.02 -14.45
CA HIS B 141 1.50 -10.84 -15.06
C HIS B 141 2.80 -10.52 -14.39
N ASN B 142 3.88 -10.50 -15.17
CA ASN B 142 5.20 -10.13 -14.66
C ASN B 142 5.30 -8.62 -14.79
N ALA B 143 5.07 -7.93 -13.67
CA ALA B 143 5.10 -6.49 -13.76
C ALA B 143 6.51 -6.04 -13.34
N SER B 144 6.67 -5.54 -12.12
CA SER B 144 7.99 -5.09 -11.66
C SER B 144 7.84 -4.45 -10.30
N ILE B 145 8.94 -4.42 -9.52
CA ILE B 145 8.93 -3.59 -8.31
C ILE B 145 8.55 -2.12 -8.65
N CYS B 146 8.88 -1.67 -9.87
CA CYS B 146 8.60 -0.29 -10.35
C CYS B 146 7.10 0.04 -10.45
N ALA B 147 6.25 -0.99 -10.47
CA ALA B 147 4.79 -0.80 -10.48
C ALA B 147 4.30 -0.10 -9.22
N VAL B 148 5.07 -0.19 -8.14
CA VAL B 148 4.74 0.54 -6.91
C VAL B 148 5.87 1.46 -6.42
N GLN B 149 7.11 1.08 -6.70
CA GLN B 149 8.23 1.89 -6.26
C GLN B 149 9.01 2.38 -7.48
N PRO B 150 8.63 3.54 -8.03
CA PRO B 150 9.14 3.94 -9.34
C PRO B 150 10.65 4.23 -9.29
N LEU B 151 11.37 3.85 -10.35
CA LEU B 151 12.81 4.20 -10.50
C LEU B 151 12.89 5.50 -11.30
N TRP B 152 13.73 6.42 -10.85
CA TRP B 152 13.75 7.78 -11.37
C TRP B 152 13.88 7.86 -12.90
N TYR B 153 14.64 6.96 -13.51
CA TYR B 153 15.02 7.11 -14.91
C TYR B 153 14.00 6.64 -15.93
N GLU B 154 12.97 5.91 -15.49
CA GLU B 154 12.03 5.28 -16.44
C GLU B 154 10.54 5.53 -16.14
N PRO B 155 10.11 6.80 -16.15
CA PRO B 155 8.70 7.11 -15.82
C PRO B 155 7.70 6.36 -16.69
N ILE B 156 7.95 6.22 -17.99
CA ILE B 156 6.97 5.53 -18.84
C ILE B 156 6.81 4.08 -18.40
N TYR B 157 7.93 3.41 -18.16
CA TYR B 157 7.86 2.04 -17.66
C TYR B 157 7.14 1.97 -16.33
N ASN B 158 7.41 2.91 -15.42
CA ASN B 158 6.75 2.90 -14.09
C ASN B 158 5.23 3.00 -14.22
N VAL B 159 4.76 3.94 -15.04
CA VAL B 159 3.34 4.19 -15.23
C VAL B 159 2.67 2.96 -15.89
N THR B 160 3.28 2.43 -16.94
CA THR B 160 2.64 1.28 -17.62
C THR B 160 2.73 -0.04 -16.80
N LYS B 161 3.81 -0.23 -16.04
CA LYS B 161 3.86 -1.36 -15.09
C LYS B 161 2.82 -1.22 -13.97
N ALA B 162 2.62 0.00 -13.50
CA ALA B 162 1.55 0.23 -12.52
C ALA B 162 0.18 -0.11 -13.13
N ALA B 163 -0.05 0.32 -14.38
CA ALA B 163 -1.31 -0.01 -15.04
C ALA B 163 -1.50 -1.53 -15.15
N LEU B 164 -0.42 -2.23 -15.47
CA LEU B 164 -0.45 -3.70 -15.63
C LEU B 164 -0.79 -4.38 -14.32
N MET B 165 -0.20 -3.89 -13.22
CA MET B 165 -0.52 -4.44 -11.89
C MET B 165 -2.01 -4.30 -11.55
N MET B 166 -2.59 -3.14 -11.87
CA MET B 166 -4.03 -2.98 -11.66
C MET B 166 -4.80 -3.86 -12.63
N PHE B 167 -4.33 -3.97 -13.88
CA PHE B 167 -5.04 -4.85 -14.82
C PHE B 167 -5.14 -6.28 -14.28
N SER B 168 -4.03 -6.77 -13.74
CA SER B 168 -3.97 -8.11 -13.15
C SER B 168 -5.06 -8.30 -12.09
N LYS B 169 -5.20 -7.33 -11.20
CA LYS B 169 -6.22 -7.36 -10.14
C LYS B 169 -7.65 -7.36 -10.70
N THR B 170 -7.90 -6.50 -11.69
CA THR B 170 -9.23 -6.40 -12.29
C THR B 170 -9.57 -7.68 -13.04
N LEU B 171 -8.61 -8.24 -13.75
CA LEU B 171 -8.85 -9.49 -14.46
C LEU B 171 -9.12 -10.62 -13.46
N ALA B 172 -8.38 -10.63 -12.36
CA ALA B 172 -8.52 -11.69 -11.37
C ALA B 172 -9.96 -11.80 -10.85
N THR B 173 -10.59 -10.66 -10.59
CA THR B 173 -11.96 -10.71 -10.05
C THR B 173 -12.99 -11.07 -11.11
N GLU B 174 -12.69 -10.74 -12.36
CA GLU B 174 -13.59 -11.04 -13.48
C GLU B 174 -13.61 -12.52 -13.82
N VAL B 175 -12.46 -13.20 -13.70
CA VAL B 175 -12.38 -14.58 -14.22
C VAL B 175 -12.28 -15.68 -13.18
N ILE B 176 -12.25 -15.32 -11.90
CA ILE B 176 -12.17 -16.36 -10.87
C ILE B 176 -13.41 -17.27 -10.96
N LYS B 177 -14.53 -16.73 -11.46
CA LYS B 177 -15.77 -17.51 -11.65
C LYS B 177 -15.54 -18.68 -12.61
N ASP B 178 -14.55 -18.55 -13.51
CA ASP B 178 -14.15 -19.60 -14.45
C ASP B 178 -13.06 -20.54 -13.92
N ASN B 179 -12.79 -20.50 -12.61
CA ASN B 179 -11.66 -21.24 -12.03
C ASN B 179 -10.34 -20.85 -12.72
N ILE B 180 -10.24 -19.59 -13.14
CA ILE B 180 -8.98 -19.06 -13.65
C ILE B 180 -8.38 -18.13 -12.58
N ARG B 181 -7.18 -18.44 -12.11
CA ARG B 181 -6.55 -17.68 -11.02
C ARG B 181 -5.49 -16.74 -11.61
N VAL B 182 -5.66 -15.44 -11.37
CA VAL B 182 -4.78 -14.43 -11.96
C VAL B 182 -4.01 -13.75 -10.85
N ASN B 183 -2.67 -13.69 -11.00
CA ASN B 183 -1.82 -13.00 -10.04
C ASN B 183 -0.72 -12.23 -10.75
N CYS B 184 -0.10 -11.33 -10.00
CA CYS B 184 0.99 -10.48 -10.46
C CYS B 184 2.27 -10.84 -9.71
N ILE B 185 3.38 -10.92 -10.43
CA ILE B 185 4.68 -10.99 -9.74
C ILE B 185 5.45 -9.72 -10.05
N ASN B 186 6.09 -9.16 -9.03
CA ASN B 186 6.82 -7.92 -9.14
C ASN B 186 8.29 -8.18 -8.80
N PRO B 187 9.12 -8.46 -9.81
CA PRO B 187 10.52 -8.73 -9.50
C PRO B 187 11.32 -7.51 -9.18
N GLY B 188 12.37 -7.72 -8.38
CA GLY B 188 13.42 -6.71 -8.13
C GLY B 188 14.53 -6.85 -9.17
N LEU B 189 15.79 -6.73 -8.75
CA LEU B 189 16.92 -6.78 -9.68
C LEU B 189 17.17 -8.21 -10.14
N ILE B 190 16.92 -8.48 -11.42
CA ILE B 190 17.13 -9.83 -11.97
C ILE B 190 18.23 -9.74 -13.01
N LEU B 191 19.27 -10.57 -12.88
CA LEU B 191 20.39 -10.51 -13.79
C LEU B 191 20.05 -11.04 -15.20
N THR B 192 19.79 -10.12 -16.11
CA THR B 192 19.42 -10.48 -17.46
C THR B 192 20.41 -9.80 -18.42
N PRO B 193 20.38 -10.18 -19.72
CA PRO B 193 21.37 -9.64 -20.67
C PRO B 193 21.46 -8.10 -20.72
N ASP B 194 20.33 -7.37 -20.67
CA ASP B 194 20.41 -5.92 -20.78
C ASP B 194 21.14 -5.22 -19.60
N TRP B 195 21.09 -5.82 -18.41
CA TRP B 195 21.84 -5.29 -17.28
C TRP B 195 23.32 -5.36 -17.56
N ILE B 196 23.76 -6.49 -18.12
CA ILE B 196 25.17 -6.63 -18.46
C ILE B 196 25.58 -5.62 -19.54
N LYS B 197 24.77 -5.53 -20.60
CA LYS B 197 25.04 -4.54 -21.69
C LYS B 197 25.12 -3.12 -21.14
N THR B 198 24.18 -2.77 -20.26
CA THR B 198 24.15 -1.44 -19.65
C THR B 198 25.40 -1.22 -18.78
N ALA B 199 25.73 -2.21 -17.96
CA ALA B 199 26.91 -2.10 -17.08
C ALA B 199 28.19 -1.87 -17.89
N LYS B 200 28.31 -2.55 -19.03
CA LYS B 200 29.46 -2.33 -19.91
C LYS B 200 29.47 -0.93 -20.54
N GLU B 201 28.32 -0.51 -21.05
CA GLU B 201 28.18 0.83 -21.63
C GLU B 201 28.57 1.92 -20.62
N LEU B 202 28.09 1.78 -19.40
CA LEU B 202 28.32 2.78 -18.37
C LEU B 202 29.70 2.75 -17.75
N THR B 203 30.47 1.68 -17.98
CA THR B 203 31.83 1.61 -17.44
C THR B 203 32.89 1.70 -18.51
N LYS B 204 32.45 1.94 -19.75
CA LYS B 204 33.36 1.98 -20.88
C LYS B 204 34.55 2.94 -20.66
N ASP B 205 34.28 4.09 -20.04
CA ASP B 205 35.31 5.13 -19.88
C ASP B 205 35.83 5.29 -18.46
N ASN B 206 35.47 4.37 -17.57
CA ASN B 206 35.98 4.47 -16.19
C ASN B 206 36.63 3.19 -15.64
N GLY B 207 37.15 2.36 -16.54
CA GLY B 207 37.87 1.15 -16.15
C GLY B 207 37.28 -0.17 -16.61
N GLY B 208 36.03 -0.15 -17.09
CA GLY B 208 35.38 -1.36 -17.61
C GLY B 208 34.90 -2.39 -16.59
N ASP B 209 34.84 -2.02 -15.31
CA ASP B 209 34.46 -2.99 -14.28
C ASP B 209 32.94 -3.07 -14.21
N TRP B 210 32.37 -3.75 -15.20
CA TRP B 210 30.92 -3.85 -15.32
C TRP B 210 30.33 -4.66 -14.15
N LYS B 211 31.05 -5.67 -13.67
CA LYS B 211 30.56 -6.42 -12.52
C LYS B 211 30.53 -5.50 -11.29
N GLY B 212 31.50 -4.61 -11.17
CA GLY B 212 31.51 -3.66 -10.05
C GLY B 212 30.33 -2.70 -10.13
N TYR B 213 30.01 -2.27 -11.37
CA TYR B 213 28.84 -1.42 -11.58
C TYR B 213 27.58 -2.15 -11.11
N LEU B 214 27.40 -3.41 -11.53
CA LEU B 214 26.24 -4.18 -11.08
C LEU B 214 26.21 -4.34 -9.55
N GLN B 215 27.37 -4.60 -8.95
CA GLN B 215 27.41 -4.70 -7.46
C GLN B 215 26.93 -3.39 -6.79
N SER B 216 27.37 -2.25 -7.33
CA SER B 216 26.94 -0.96 -6.78
C SER B 216 25.42 -0.75 -6.92
N VAL B 217 24.85 -1.20 -8.02
CA VAL B 217 23.39 -1.15 -8.20
C VAL B 217 22.71 -2.01 -7.13
N ALA B 218 23.20 -3.22 -6.92
CA ALA B 218 22.62 -4.08 -5.91
C ALA B 218 22.83 -3.49 -4.50
N ASP B 219 24.02 -2.95 -4.22
CA ASP B 219 24.33 -2.39 -2.90
C ASP B 219 23.40 -1.21 -2.58
N GLU B 220 23.08 -0.42 -3.61
CA GLU B 220 22.23 0.76 -3.49
C GLU B 220 20.79 0.36 -3.23
N HIS B 221 20.31 -0.68 -3.90
CA HIS B 221 18.87 -0.97 -3.95
C HIS B 221 18.40 -2.17 -3.11
N ALA B 222 19.23 -3.18 -2.95
CA ALA B 222 18.74 -4.43 -2.35
C ALA B 222 19.50 -4.81 -1.09
N PRO B 223 18.78 -4.96 0.05
CA PRO B 223 19.41 -5.45 1.28
C PRO B 223 20.21 -6.77 1.11
N ILE B 224 19.78 -7.65 0.21
CA ILE B 224 20.47 -8.92 -0.05
C ILE B 224 21.82 -8.72 -0.78
N LYS B 225 22.02 -7.53 -1.32
CA LYS B 225 23.30 -7.12 -1.92
C LYS B 225 23.74 -7.97 -3.10
N ARG B 226 22.77 -8.49 -3.83
CA ARG B 226 23.04 -9.19 -5.09
C ARG B 226 21.80 -9.13 -5.98
N PHE B 227 22.00 -9.35 -7.28
CA PHE B 227 20.94 -9.61 -8.24
C PHE B 227 20.43 -11.04 -8.06
N ALA B 228 19.15 -11.26 -8.39
CA ALA B 228 18.62 -12.61 -8.53
C ALA B 228 19.04 -13.21 -9.87
N SER B 229 19.07 -14.54 -9.93
CA SER B 229 19.17 -15.23 -11.21
C SER B 229 17.78 -15.38 -11.79
N PRO B 230 17.66 -15.38 -13.13
CA PRO B 230 16.34 -15.65 -13.69
C PRO B 230 15.74 -16.98 -13.23
N GLU B 231 16.57 -18.02 -13.08
CA GLU B 231 16.09 -19.32 -12.57
C GLU B 231 15.51 -19.22 -11.13
N GLU B 232 16.18 -18.45 -10.27
CA GLU B 232 15.66 -18.16 -8.92
C GLU B 232 14.25 -17.59 -8.97
N LEU B 233 14.08 -16.57 -9.79
CA LEU B 233 12.78 -15.94 -9.99
C LEU B 233 11.76 -16.91 -10.58
N ALA B 234 12.18 -17.69 -11.57
CA ALA B 234 11.24 -18.60 -12.28
C ALA B 234 10.52 -19.57 -11.37
N ASN B 235 11.17 -19.99 -10.27
CA ASN B 235 10.54 -20.91 -9.32
C ASN B 235 9.21 -20.37 -8.82
N PHE B 236 9.18 -19.07 -8.58
CA PHE B 236 7.96 -18.43 -8.07
C PHE B 236 6.83 -18.47 -9.08
N PHE B 237 7.14 -18.24 -10.37
CA PHE B 237 6.15 -18.35 -11.45
C PHE B 237 5.57 -19.77 -11.54
N VAL B 238 6.45 -20.76 -11.49
CA VAL B 238 6.01 -22.16 -11.59
C VAL B 238 5.14 -22.49 -10.38
N PHE B 239 5.59 -22.12 -9.19
CA PHE B 239 4.77 -22.36 -7.99
C PHE B 239 3.40 -21.69 -8.09
N LEU B 240 3.36 -20.42 -8.48
CA LEU B 240 2.06 -19.72 -8.52
C LEU B 240 1.11 -20.31 -9.56
N CYS B 241 1.66 -20.92 -10.62
CA CYS B 241 0.78 -21.57 -11.61
C CYS B 241 0.46 -23.04 -11.33
N SER B 242 0.86 -23.54 -10.15
CA SER B 242 0.74 -24.97 -9.84
C SER B 242 -0.53 -25.30 -9.08
N GLU B 243 -0.76 -26.60 -8.90
CA GLU B 243 -1.89 -27.06 -8.10
C GLU B 243 -1.69 -26.83 -6.61
N ARG B 244 -0.53 -26.29 -6.22
CA ARG B 244 -0.25 -25.99 -4.81
C ARG B 244 -0.62 -24.55 -4.42
N ALA B 245 -0.95 -23.72 -5.41
CA ALA B 245 -1.22 -22.30 -5.14
C ALA B 245 -2.65 -21.91 -5.48
N THR B 246 -3.59 -22.75 -5.06
CA THR B 246 -4.97 -22.68 -5.52
C THR B 246 -5.81 -21.64 -4.78
N TYR B 247 -5.23 -20.98 -3.77
CA TYR B 247 -5.98 -19.93 -3.07
C TYR B 247 -5.37 -18.54 -3.33
N SER B 248 -4.37 -18.48 -4.22
CA SER B 248 -3.83 -17.20 -4.65
C SER B 248 -4.67 -16.61 -5.78
N VAL B 249 -5.34 -15.49 -5.48
CA VAL B 249 -6.24 -14.82 -6.44
C VAL B 249 -6.10 -13.30 -6.32
N GLY B 250 -5.69 -12.67 -7.39
CA GLY B 250 -5.63 -11.19 -7.45
C GLY B 250 -4.59 -10.62 -6.51
N SER B 251 -3.51 -11.38 -6.28
CA SER B 251 -2.46 -10.93 -5.39
C SER B 251 -1.29 -10.43 -6.19
N ALA B 252 -0.43 -9.62 -5.55
CA ALA B 252 0.80 -9.17 -6.19
C ALA B 252 1.91 -9.63 -5.26
N TYR B 253 2.84 -10.38 -5.81
CA TYR B 253 3.86 -11.03 -5.01
C TYR B 253 5.21 -10.44 -5.39
N PHE B 254 5.87 -9.77 -4.45
CA PHE B 254 7.16 -9.15 -4.76
C PHE B 254 8.26 -10.15 -4.56
N VAL B 255 9.23 -10.18 -5.48
CA VAL B 255 10.34 -11.12 -5.37
C VAL B 255 11.56 -10.26 -5.63
N ASP B 256 12.12 -9.69 -4.55
CA ASP B 256 12.91 -8.45 -4.73
C ASP B 256 14.10 -8.26 -3.81
N GLY B 257 14.41 -9.27 -3.00
CA GLY B 257 15.64 -9.29 -2.19
C GLY B 257 15.70 -8.18 -1.17
N GLY B 258 14.51 -7.68 -0.79
CA GLY B 258 14.36 -6.59 0.15
C GLY B 258 14.24 -5.21 -0.45
N MET B 259 14.21 -5.11 -1.78
CA MET B 259 14.25 -3.81 -2.48
C MET B 259 13.06 -2.90 -2.16
N LEU B 260 11.88 -3.47 -1.99
CA LEU B 260 10.71 -2.67 -1.60
C LEU B 260 10.90 -2.07 -0.24
N LYS B 261 10.77 -0.74 -0.13
CA LYS B 261 11.16 -0.02 1.10
C LYS B 261 10.02 0.11 2.08
N THR B 262 8.82 -0.22 1.63
CA THR B 262 7.64 -0.09 2.45
C THR B 262 7.03 -1.45 2.69
N LEU B 263 6.04 -1.46 3.59
CA LEU B 263 5.27 -2.67 3.89
C LEU B 263 4.67 -3.30 2.66
N MET C 1 -9.21 30.88 3.68
CA MET C 1 -10.22 29.78 3.80
C MET C 1 -10.63 29.71 5.26
N ASP C 2 -11.94 29.80 5.53
CA ASP C 2 -12.42 29.77 6.90
C ASP C 2 -12.33 28.35 7.47
N MET C 3 -11.72 28.19 8.64
CA MET C 3 -11.51 26.85 9.22
C MET C 3 -12.64 26.41 10.17
N GLY C 4 -13.35 27.39 10.74
CA GLY C 4 -14.53 27.13 11.59
C GLY C 4 -14.17 26.49 12.91
N ILE C 5 -12.98 26.83 13.39
CA ILE C 5 -12.36 26.21 14.55
C ILE C 5 -12.49 27.13 15.76
N SER C 6 -12.94 28.37 15.55
CA SER C 6 -12.94 29.33 16.67
C SER C 6 -13.82 28.84 17.83
N GLY C 7 -13.28 28.86 19.05
CA GLY C 7 -14.02 28.41 20.23
C GLY C 7 -14.13 26.90 20.44
N LYS C 8 -13.51 26.14 19.54
CA LYS C 8 -13.45 24.69 19.72
C LYS C 8 -12.33 24.36 20.72
N VAL C 9 -12.46 23.22 21.40
CA VAL C 9 -11.50 22.79 22.42
C VAL C 9 -10.59 21.74 21.82
N ALA C 10 -9.30 22.06 21.73
CA ALA C 10 -8.33 21.12 21.13
C ALA C 10 -7.30 20.64 22.14
N VAL C 11 -7.19 19.32 22.30
CA VAL C 11 -6.25 18.70 23.20
C VAL C 11 -5.09 18.19 22.34
N ILE C 12 -3.87 18.64 22.63
CA ILE C 12 -2.71 18.25 21.80
C ILE C 12 -1.72 17.61 22.75
N THR C 13 -1.48 16.30 22.60
CA THR C 13 -0.48 15.67 23.46
C THR C 13 0.92 15.97 22.93
N GLY C 14 1.90 16.08 23.83
CA GLY C 14 3.28 16.42 23.44
C GLY C 14 3.40 17.80 22.81
N SER C 15 2.75 18.80 23.44
CA SER C 15 2.65 20.14 22.83
C SER C 15 3.49 21.20 23.53
N SER C 16 4.44 20.78 24.35
CA SER C 16 5.38 21.77 24.93
C SER C 16 6.57 22.09 24.03
N SER C 17 6.72 21.36 22.93
CA SER C 17 7.91 21.43 22.13
C SER C 17 7.61 20.96 20.71
N GLY C 18 8.45 21.36 19.76
CA GLY C 18 8.49 20.72 18.44
C GLY C 18 7.16 20.77 17.69
N ILE C 19 6.79 19.63 17.13
CA ILE C 19 5.59 19.55 16.27
C ILE C 19 4.32 19.86 17.07
N GLY C 20 4.18 19.29 18.26
CA GLY C 20 2.93 19.51 19.03
C GLY C 20 2.74 20.98 19.35
N LEU C 21 3.83 21.68 19.67
CA LEU C 21 3.75 23.11 20.00
C LEU C 21 3.32 23.89 18.75
N ALA C 22 3.91 23.56 17.60
CA ALA C 22 3.52 24.21 16.35
C ALA C 22 2.05 23.95 16.02
N ILE C 23 1.57 22.73 16.25
CA ILE C 23 0.14 22.44 16.08
C ILE C 23 -0.74 23.28 17.03
N ALA C 24 -0.32 23.39 18.28
CA ALA C 24 -1.05 24.22 19.24
C ALA C 24 -1.12 25.68 18.78
N GLU C 25 0.01 26.20 18.29
CA GLU C 25 0.04 27.56 17.73
C GLU C 25 -0.90 27.70 16.53
N GLY C 26 -0.92 26.68 15.67
CA GLY C 26 -1.80 26.68 14.50
C GLY C 26 -3.26 26.73 14.93
N PHE C 27 -3.62 25.93 15.92
CA PHE C 27 -4.99 25.97 16.43
C PHE C 27 -5.30 27.31 17.12
N ALA C 28 -4.37 27.81 17.92
CA ALA C 28 -4.57 29.09 18.64
C ALA C 28 -4.83 30.27 17.69
N LYS C 29 -4.12 30.28 16.57
CA LYS C 29 -4.26 31.30 15.57
C LYS C 29 -5.68 31.30 15.00
N GLU C 30 -6.31 30.13 14.98
CA GLU C 30 -7.64 29.97 14.45
C GLU C 30 -8.69 30.11 15.56
N GLY C 31 -8.25 30.52 16.74
CA GLY C 31 -9.18 30.82 17.85
C GLY C 31 -9.62 29.64 18.72
N ALA C 32 -8.94 28.50 18.61
CA ALA C 32 -9.29 27.34 19.45
C ALA C 32 -8.82 27.51 20.90
N HIS C 33 -9.54 26.92 21.86
CA HIS C 33 -9.06 26.78 23.24
C HIS C 33 -8.11 25.59 23.22
N ILE C 34 -7.03 25.68 23.98
CA ILE C 34 -5.92 24.71 23.90
C ILE C 34 -5.71 23.98 25.22
N VAL C 35 -5.61 22.65 25.14
CA VAL C 35 -5.15 21.84 26.25
C VAL C 35 -3.76 21.31 25.89
N LEU C 36 -2.73 21.79 26.57
CA LEU C 36 -1.35 21.38 26.36
C LEU C 36 -1.00 20.27 27.34
N VAL C 37 -0.37 19.22 26.83
CA VAL C 37 -0.05 18.06 27.65
C VAL C 37 1.40 17.70 27.39
N ALA C 38 2.20 17.59 28.46
CA ALA C 38 3.59 17.08 28.37
C ALA C 38 4.08 16.77 29.78
N ARG C 39 5.22 16.10 29.92
CA ARG C 39 5.72 15.73 31.26
C ARG C 39 6.39 16.89 32.00
N GLN C 40 7.25 17.63 31.29
CA GLN C 40 8.13 18.61 31.90
C GLN C 40 7.40 19.93 31.96
N VAL C 41 7.05 20.39 33.18
CA VAL C 41 6.14 21.53 33.25
C VAL C 41 6.78 22.87 32.95
N ASP C 42 8.11 22.97 33.05
CA ASP C 42 8.74 24.26 32.70
C ASP C 42 8.41 24.66 31.25
N ARG C 43 8.47 23.71 30.32
CA ARG C 43 8.24 24.02 28.93
C ARG C 43 6.73 24.22 28.69
N LEU C 44 5.90 23.57 29.50
CA LEU C 44 4.46 23.73 29.38
C LEU C 44 4.08 25.15 29.79
N HIS C 45 4.67 25.63 30.89
CA HIS C 45 4.40 27.02 31.34
C HIS C 45 4.79 28.02 30.26
N GLU C 46 5.97 27.83 29.67
CA GLU C 46 6.49 28.78 28.69
C GLU C 46 5.61 28.80 27.44
N ALA C 47 5.26 27.60 26.99
CA ALA C 47 4.37 27.44 25.83
C ALA C 47 3.00 28.05 26.08
N ALA C 48 2.40 27.75 27.24
CA ALA C 48 1.07 28.25 27.54
C ALA C 48 1.05 29.76 27.61
N ARG C 49 2.07 30.36 28.24
CA ARG C 49 2.20 31.81 28.36
C ARG C 49 2.24 32.49 27.00
N SER C 50 3.08 31.95 26.11
CA SER C 50 3.22 32.45 24.74
C SER C 50 1.92 32.38 23.94
N LEU C 51 1.19 31.27 24.05
CA LEU C 51 -0.05 31.11 23.33
C LEU C 51 -1.08 32.12 23.82
N LYS C 52 -1.23 32.24 25.14
CA LYS C 52 -2.17 33.21 25.71
C LYS C 52 -1.82 34.63 25.29
N GLU C 53 -0.53 34.98 25.33
CA GLU C 53 -0.09 36.35 25.07
C GLU C 53 -0.09 36.74 23.61
N LYS C 54 0.20 35.78 22.72
CA LYS C 54 0.24 36.03 21.27
C LYS C 54 -1.12 35.91 20.58
N PHE C 55 -1.97 35.02 21.10
CA PHE C 55 -3.22 34.65 20.41
C PHE C 55 -4.50 34.90 21.19
N GLY C 56 -4.37 35.23 22.48
CA GLY C 56 -5.54 35.57 23.28
C GLY C 56 -6.48 34.41 23.55
N VAL C 57 -5.94 33.20 23.47
CA VAL C 57 -6.79 32.03 23.65
C VAL C 57 -6.67 31.53 25.10
N ARG C 58 -7.65 30.73 25.50
CA ARG C 58 -7.55 30.02 26.78
C ARG C 58 -6.65 28.81 26.62
N VAL C 59 -5.79 28.58 27.61
CA VAL C 59 -4.87 27.43 27.57
C VAL C 59 -4.86 26.75 28.93
N LEU C 60 -5.10 25.43 28.91
CA LEU C 60 -5.03 24.62 30.10
C LEU C 60 -3.79 23.75 30.00
N GLU C 61 -2.98 23.70 31.06
CA GLU C 61 -1.76 22.88 31.04
C GLU C 61 -2.00 21.63 31.84
N VAL C 62 -1.65 20.47 31.29
CA VAL C 62 -1.74 19.23 32.06
C VAL C 62 -0.38 18.58 32.03
N ALA C 63 0.33 18.63 33.16
CA ALA C 63 1.67 18.03 33.20
C ALA C 63 1.63 16.58 33.69
N VAL C 64 1.61 15.66 32.73
CA VAL C 64 1.47 14.24 33.05
C VAL C 64 2.18 13.39 32.01
N ASP C 65 2.36 12.12 32.34
CA ASP C 65 2.96 11.16 31.44
C ASP C 65 1.79 10.44 30.78
N VAL C 66 1.59 10.68 29.48
CA VAL C 66 0.47 10.04 28.77
C VAL C 66 0.69 8.57 28.48
N ALA C 67 1.87 8.05 28.78
CA ALA C 67 2.12 6.62 28.61
C ALA C 67 1.56 5.82 29.79
N THR C 68 0.87 6.50 30.70
CA THR C 68 0.32 5.86 31.89
C THR C 68 -1.19 6.07 31.93
N PRO C 69 -1.94 5.07 32.46
CA PRO C 69 -3.39 5.27 32.54
C PRO C 69 -3.76 6.44 33.44
N GLU C 70 -2.99 6.65 34.50
CA GLU C 70 -3.25 7.75 35.44
C GLU C 70 -3.07 9.11 34.80
N GLY C 71 -2.05 9.25 33.96
CA GLY C 71 -1.81 10.52 33.24
C GLY C 71 -2.97 10.82 32.29
N VAL C 72 -3.38 9.81 31.53
CA VAL C 72 -4.52 9.97 30.63
C VAL C 72 -5.77 10.33 31.39
N ASP C 73 -5.99 9.62 32.51
CA ASP C 73 -7.14 9.90 33.34
C ASP C 73 -7.18 11.38 33.76
N ALA C 74 -6.02 11.94 34.10
CA ALA C 74 -5.94 13.34 34.51
C ALA C 74 -6.24 14.29 33.36
N VAL C 75 -5.76 13.95 32.16
CA VAL C 75 -6.10 14.73 30.97
C VAL C 75 -7.61 14.75 30.76
N VAL C 76 -8.26 13.59 30.83
CA VAL C 76 -9.71 13.51 30.63
C VAL C 76 -10.50 14.35 31.66
N GLU C 77 -10.06 14.29 32.92
CA GLU C 77 -10.78 14.99 33.98
C GLU C 77 -10.56 16.49 33.91
N SER C 78 -9.32 16.91 33.60
CA SER C 78 -8.98 18.31 33.35
C SER C 78 -9.85 18.90 32.23
N VAL C 79 -10.02 18.15 31.15
CA VAL C 79 -10.87 18.60 30.04
C VAL C 79 -12.36 18.66 30.42
N ARG C 80 -12.86 17.62 31.05
CA ARG C 80 -14.28 17.57 31.41
C ARG C 80 -14.63 18.74 32.35
N SER C 81 -13.80 18.95 33.36
CA SER C 81 -14.11 19.97 34.37
C SER C 81 -13.93 21.42 33.86
N SER C 82 -12.93 21.65 33.01
CA SER C 82 -12.69 23.00 32.48
C SER C 82 -13.55 23.34 31.29
N PHE C 83 -13.78 22.36 30.40
CA PHE C 83 -14.45 22.64 29.14
C PHE C 83 -15.73 21.82 28.86
N GLY C 84 -15.98 20.76 29.63
CA GLY C 84 -17.12 19.87 29.33
C GLY C 84 -16.68 18.67 28.52
N GLY C 85 -15.89 18.92 27.48
CA GLY C 85 -15.36 17.86 26.62
C GLY C 85 -14.48 18.49 25.56
N ALA C 86 -13.85 17.64 24.74
CA ALA C 86 -13.00 18.09 23.65
C ALA C 86 -13.73 18.05 22.31
N ASP C 87 -13.31 18.91 21.40
CA ASP C 87 -13.80 18.89 20.02
C ASP C 87 -12.77 18.26 19.12
N ILE C 88 -11.51 18.44 19.50
CA ILE C 88 -10.34 18.01 18.71
C ILE C 88 -9.35 17.32 19.63
N LEU C 89 -8.83 16.17 19.18
CA LEU C 89 -7.76 15.50 19.86
C LEU C 89 -6.65 15.19 18.89
N VAL C 90 -5.43 15.61 19.24
CA VAL C 90 -4.25 15.29 18.43
C VAL C 90 -3.30 14.47 19.28
N ASN C 91 -3.09 13.23 18.86
CA ASN C 91 -2.15 12.34 19.49
C ASN C 91 -0.78 12.56 18.89
N ASN C 92 0.09 13.18 19.66
CA ASN C 92 1.40 13.58 19.15
C ASN C 92 2.60 13.22 20.05
N ALA C 93 2.37 13.08 21.35
CA ALA C 93 3.46 12.71 22.26
C ALA C 93 4.18 11.48 21.75
N GLY C 94 5.50 11.61 21.61
CA GLY C 94 6.33 10.52 21.12
C GLY C 94 7.76 10.91 21.00
N THR C 95 8.59 9.93 20.69
CA THR C 95 10.00 10.15 20.47
C THR C 95 10.50 8.98 19.58
N GLY C 96 11.59 9.20 18.85
CA GLY C 96 12.19 8.13 18.04
C GLY C 96 12.83 7.05 18.92
N SER C 97 13.30 5.97 18.28
CA SER C 97 14.03 4.93 19.00
C SER C 97 15.42 4.75 18.37
N ASN C 98 16.16 3.75 18.83
CA ASN C 98 17.53 3.54 18.34
C ASN C 98 18.05 2.26 18.97
N GLU C 99 17.99 1.17 18.22
CA GLU C 99 18.40 -0.15 18.75
C GLU C 99 18.46 -1.16 17.61
N THR C 100 18.92 -2.36 17.92
CA THR C 100 18.66 -3.50 17.06
C THR C 100 17.68 -4.43 17.77
N ILE C 101 16.94 -5.23 17.01
CA ILE C 101 16.03 -6.22 17.57
C ILE C 101 16.81 -7.25 18.41
N MET C 102 18.02 -7.57 17.96
CA MET C 102 18.82 -8.60 18.63
C MET C 102 19.27 -8.14 20.04
N GLU C 103 19.46 -6.83 20.23
CA GLU C 103 19.96 -6.30 21.51
C GLU C 103 18.93 -5.62 22.46
N ALA C 104 17.84 -5.08 21.90
CA ALA C 104 16.87 -4.33 22.71
C ALA C 104 16.17 -5.14 23.79
N ALA C 105 15.99 -4.53 24.95
CA ALA C 105 15.29 -5.16 26.06
C ALA C 105 13.78 -5.19 25.83
N ASP C 106 13.13 -6.21 26.36
CA ASP C 106 11.67 -6.29 26.32
C ASP C 106 11.03 -5.00 26.84
N GLU C 107 11.62 -4.47 27.90
CA GLU C 107 11.10 -3.25 28.56
C GLU C 107 11.06 -2.07 27.60
N LYS C 108 11.96 -2.03 26.63
CA LYS C 108 11.98 -0.92 25.68
C LYS C 108 10.82 -1.07 24.71
N TRP C 109 10.60 -2.28 24.23
CA TRP C 109 9.39 -2.54 23.42
C TRP C 109 8.12 -2.08 24.14
N GLN C 110 8.02 -2.42 25.42
CA GLN C 110 6.85 -2.09 26.21
C GLN C 110 6.68 -0.57 26.32
N PHE C 111 7.79 0.14 26.52
CA PHE C 111 7.79 1.60 26.68
C PHE C 111 7.13 2.29 25.47
N TYR C 112 7.55 1.89 24.28
CA TYR C 112 7.01 2.48 23.04
C TYR C 112 5.56 2.06 22.78
N TRP C 113 5.22 0.80 23.10
CA TRP C 113 3.83 0.38 23.00
C TRP C 113 2.94 1.25 23.87
N GLU C 114 3.36 1.48 25.12
CA GLU C 114 2.57 2.35 26.02
C GLU C 114 2.48 3.80 25.53
N LEU C 115 3.60 4.34 25.04
CA LEU C 115 3.68 5.74 24.69
C LEU C 115 2.95 6.04 23.37
N LEU C 116 3.20 5.21 22.37
CA LEU C 116 2.69 5.52 21.01
C LEU C 116 1.33 4.90 20.74
N VAL C 117 1.07 3.74 21.32
CA VAL C 117 -0.22 3.09 21.02
C VAL C 117 -1.22 3.22 22.15
N MET C 118 -0.83 2.79 23.36
CA MET C 118 -1.82 2.75 24.45
C MET C 118 -2.27 4.16 24.85
N ALA C 119 -1.40 5.15 24.69
CA ALA C 119 -1.82 6.56 24.91
C ALA C 119 -3.03 6.92 24.06
N ALA C 120 -2.99 6.51 22.79
CA ALA C 120 -4.05 6.84 21.84
C ALA C 120 -5.32 6.04 22.11
N VAL C 121 -5.14 4.78 22.48
CA VAL C 121 -6.26 3.93 22.89
C VAL C 121 -6.97 4.55 24.11
N ARG C 122 -6.18 4.86 25.14
CA ARG C 122 -6.72 5.37 26.40
C ARG C 122 -7.31 6.76 26.26
N LEU C 123 -6.69 7.63 25.47
CA LEU C 123 -7.31 8.94 25.17
C LEU C 123 -8.62 8.85 24.38
N ALA C 124 -8.70 7.94 23.42
CA ALA C 124 -9.97 7.77 22.72
C ALA C 124 -11.05 7.29 23.67
N ARG C 125 -10.77 6.26 24.47
CA ARG C 125 -11.75 5.74 25.42
C ARG C 125 -12.24 6.84 26.35
N GLY C 126 -11.28 7.65 26.81
CA GLY C 126 -11.57 8.71 27.75
C GLY C 126 -12.29 9.92 27.19
N LEU C 127 -11.93 10.33 25.97
CA LEU C 127 -12.43 11.60 25.40
C LEU C 127 -13.60 11.46 24.42
N VAL C 128 -13.73 10.30 23.79
CA VAL C 128 -14.79 10.13 22.80
C VAL C 128 -16.21 10.37 23.38
N PRO C 129 -16.50 9.91 24.63
CA PRO C 129 -17.86 10.17 25.11
C PRO C 129 -18.23 11.66 25.15
N GLY C 130 -17.31 12.49 25.65
CA GLY C 130 -17.52 13.96 25.70
C GLY C 130 -17.63 14.56 24.32
N MET C 131 -16.81 14.06 23.39
CA MET C 131 -16.83 14.52 22.01
C MET C 131 -18.17 14.18 21.35
N ARG C 132 -18.65 12.96 21.60
CA ARG C 132 -19.94 12.51 21.11
C ARG C 132 -21.06 13.44 21.59
N ALA C 133 -21.03 13.78 22.87
CA ALA C 133 -22.05 14.64 23.49
C ALA C 133 -22.03 16.04 22.93
N ARG C 134 -20.86 16.48 22.45
CA ARG C 134 -20.74 17.79 21.82
C ARG C 134 -21.20 17.83 20.34
N GLY C 135 -21.46 16.66 19.76
CA GLY C 135 -21.98 16.55 18.39
C GLY C 135 -20.99 16.03 17.35
N GLY C 136 -19.81 15.62 17.82
CA GLY C 136 -18.77 15.11 16.91
C GLY C 136 -17.42 15.73 17.23
N GLY C 137 -16.46 15.57 16.31
CA GLY C 137 -15.14 16.10 16.55
C GLY C 137 -14.15 15.47 15.62
N ALA C 138 -12.88 15.76 15.88
CA ALA C 138 -11.81 15.30 15.00
C ALA C 138 -10.73 14.72 15.88
N ILE C 139 -10.19 13.56 15.48
CA ILE C 139 -9.05 12.98 16.16
C ILE C 139 -7.97 12.70 15.14
N ILE C 140 -6.75 13.16 15.41
CA ILE C 140 -5.63 12.88 14.50
C ILE C 140 -4.58 12.12 15.27
N HIS C 141 -3.99 11.14 14.61
CA HIS C 141 -2.86 10.46 15.15
C HIS C 141 -1.65 10.84 14.33
N ASN C 142 -0.65 11.40 15.00
CA ASN C 142 0.62 11.73 14.35
C ASN C 142 1.51 10.50 14.46
N ALA C 143 1.57 9.70 13.39
CA ALA C 143 2.39 8.51 13.40
C ALA C 143 3.74 8.92 12.80
N SER C 144 4.00 8.53 11.54
CA SER C 144 5.31 8.85 10.91
C SER C 144 5.38 8.17 9.55
N ILE C 145 6.17 8.72 8.66
CA ILE C 145 6.53 7.95 7.45
C ILE C 145 7.03 6.54 7.77
N CYS C 146 7.65 6.39 8.94
CA CYS C 146 8.20 5.09 9.37
C CYS C 146 7.12 4.06 9.66
N ALA C 147 5.86 4.50 9.70
CA ALA C 147 4.76 3.57 9.97
C ALA C 147 4.55 2.67 8.75
N VAL C 148 5.04 3.11 7.59
CA VAL C 148 5.03 2.27 6.40
C VAL C 148 6.40 2.05 5.77
N GLN C 149 7.32 3.00 5.93
CA GLN C 149 8.64 2.90 5.30
C GLN C 149 9.68 2.98 6.42
N PRO C 150 10.06 1.81 6.98
CA PRO C 150 10.79 1.76 8.24
C PRO C 150 12.22 2.26 8.09
N LEU C 151 12.68 3.05 9.06
CA LEU C 151 14.08 3.50 9.07
C LEU C 151 14.94 2.47 9.78
N TRP C 152 16.03 2.05 9.15
CA TRP C 152 16.85 0.94 9.67
C TRP C 152 17.18 0.98 11.16
N TYR C 153 17.44 2.17 11.72
CA TYR C 153 17.98 2.26 13.07
C TYR C 153 16.97 2.22 14.22
N GLU C 154 15.69 2.24 13.90
CA GLU C 154 14.67 2.34 14.94
C GLU C 154 13.52 1.33 14.77
N PRO C 155 13.85 0.02 14.81
CA PRO C 155 12.80 -0.99 14.63
C PRO C 155 11.63 -0.89 15.63
N ILE C 156 11.88 -0.57 16.90
CA ILE C 156 10.77 -0.48 17.86
C ILE C 156 9.79 0.64 17.49
N TYR C 157 10.34 1.81 17.20
CA TYR C 157 9.55 2.95 16.70
C TYR C 157 8.77 2.59 15.43
N ASN C 158 9.41 1.91 14.48
CA ASN C 158 8.71 1.51 13.25
C ASN C 158 7.48 0.64 13.56
N VAL C 159 7.68 -0.36 14.43
CA VAL C 159 6.63 -1.34 14.73
C VAL C 159 5.47 -0.65 15.46
N THR C 160 5.82 0.18 16.44
CA THR C 160 4.77 0.84 17.23
C THR C 160 4.04 1.96 16.47
N LYS C 161 4.75 2.65 15.56
CA LYS C 161 4.10 3.64 14.68
C LYS C 161 3.16 2.96 13.68
N ALA C 162 3.61 1.80 13.14
CA ALA C 162 2.74 0.97 12.29
C ALA C 162 1.48 0.58 13.05
N ALA C 163 1.64 0.18 14.30
CA ALA C 163 0.48 -0.23 15.10
C ALA C 163 -0.44 0.98 15.31
N LEU C 164 0.16 2.14 15.53
CA LEU C 164 -0.61 3.38 15.71
C LEU C 164 -1.44 3.72 14.45
N MET C 165 -0.82 3.59 13.29
CA MET C 165 -1.51 3.83 12.02
C MET C 165 -2.73 2.91 11.88
N MET C 166 -2.58 1.62 12.22
CA MET C 166 -3.73 0.71 12.16
C MET C 166 -4.75 1.12 13.21
N PHE C 167 -4.30 1.43 14.43
CA PHE C 167 -5.26 1.89 15.46
C PHE C 167 -6.14 3.03 14.94
N SER C 168 -5.51 4.02 14.33
CA SER C 168 -6.24 5.17 13.77
C SER C 168 -7.39 4.74 12.84
N LYS C 169 -7.08 3.80 11.94
CA LYS C 169 -8.03 3.32 10.95
C LYS C 169 -9.19 2.56 11.65
N THR C 170 -8.85 1.72 12.62
CA THR C 170 -9.90 0.96 13.36
C THR C 170 -10.80 1.89 14.16
N LEU C 171 -10.20 2.90 14.78
CA LEU C 171 -11.00 3.87 15.56
C LEU C 171 -11.89 4.65 14.63
N ALA C 172 -11.37 5.03 13.45
CA ALA C 172 -12.16 5.74 12.47
C ALA C 172 -13.47 5.06 12.12
N THR C 173 -13.44 3.76 11.89
CA THR C 173 -14.69 3.08 11.55
C THR C 173 -15.61 2.93 12.76
N GLU C 174 -15.06 2.82 13.96
CA GLU C 174 -15.89 2.68 15.17
C GLU C 174 -16.65 3.93 15.54
N VAL C 175 -16.06 5.11 15.32
CA VAL C 175 -16.65 6.35 15.85
C VAL C 175 -17.25 7.29 14.83
N ILE C 176 -17.14 6.97 13.54
CA ILE C 176 -17.69 7.87 12.52
C ILE C 176 -19.22 8.06 12.73
N LYS C 177 -19.88 7.03 13.25
CA LYS C 177 -21.32 7.11 13.57
C LYS C 177 -21.64 8.27 14.51
N ASP C 178 -20.66 8.69 15.32
CA ASP C 178 -20.81 9.79 16.26
C ASP C 178 -20.40 11.15 15.65
N ASN C 179 -20.19 11.21 14.32
CA ASN C 179 -19.64 12.40 13.64
C ASN C 179 -18.25 12.76 14.17
N ILE C 180 -17.49 11.73 14.56
CA ILE C 180 -16.11 11.96 14.99
C ILE C 180 -15.27 11.39 13.86
N ARG C 181 -14.40 12.24 13.31
CA ARG C 181 -13.60 11.89 12.13
C ARG C 181 -12.17 11.65 12.58
N VAL C 182 -11.69 10.44 12.36
CA VAL C 182 -10.36 10.06 12.80
C VAL C 182 -9.46 9.86 11.59
N ASN C 183 -8.26 10.47 11.64
CA ASN C 183 -7.30 10.29 10.57
C ASN C 183 -5.88 10.26 11.14
N CYS C 184 -4.94 9.89 10.28
CA CYS C 184 -3.57 9.79 10.65
C CYS C 184 -2.78 10.73 9.74
N ILE C 185 -1.77 11.36 10.29
CA ILE C 185 -0.82 12.10 9.46
C ILE C 185 0.55 11.48 9.69
N ASN C 186 1.27 11.23 8.59
CA ASN C 186 2.59 10.60 8.63
C ASN C 186 3.63 11.59 8.11
N PRO C 187 4.31 12.33 9.01
CA PRO C 187 5.32 13.30 8.59
C PRO C 187 6.62 12.63 8.18
N GLY C 188 7.33 13.27 7.27
CA GLY C 188 8.73 12.90 6.97
C GLY C 188 9.67 13.71 7.86
N LEU C 189 10.75 14.23 7.29
CA LEU C 189 11.77 14.94 8.07
C LEU C 189 11.27 16.30 8.54
N ILE C 190 11.11 16.48 9.86
CA ILE C 190 10.59 17.76 10.41
C ILE C 190 11.64 18.32 11.35
N LEU C 191 12.11 19.53 11.07
CA LEU C 191 13.21 20.06 11.87
C LEU C 191 12.76 20.47 13.27
N THR C 192 13.04 19.61 14.23
CA THR C 192 12.70 19.83 15.63
C THR C 192 13.98 19.93 16.47
N PRO C 193 13.86 20.36 17.75
CA PRO C 193 15.06 20.52 18.58
C PRO C 193 15.97 19.28 18.63
N ASP C 194 15.38 18.10 18.69
CA ASP C 194 16.16 16.86 18.81
C ASP C 194 17.02 16.52 17.61
N TRP C 195 16.56 16.88 16.41
CA TRP C 195 17.38 16.73 15.21
C TRP C 195 18.64 17.60 15.30
N ILE C 196 18.45 18.82 15.78
CA ILE C 196 19.57 19.76 15.91
C ILE C 196 20.54 19.26 16.98
N LYS C 197 20.00 18.72 18.07
CA LYS C 197 20.84 18.12 19.11
C LYS C 197 21.67 16.94 18.62
N THR C 198 21.00 16.03 17.90
CA THR C 198 21.62 14.84 17.32
C THR C 198 22.72 15.23 16.33
N ALA C 199 22.41 16.20 15.46
CA ALA C 199 23.38 16.73 14.50
C ALA C 199 24.63 17.27 15.19
N LYS C 200 24.43 18.06 16.24
CA LYS C 200 25.55 18.61 17.01
C LYS C 200 26.35 17.49 17.68
N GLU C 201 25.64 16.50 18.22
CA GLU C 201 26.28 15.37 18.88
C GLU C 201 27.08 14.49 17.93
N LEU C 202 26.52 14.20 16.75
CA LEU C 202 27.18 13.35 15.76
C LEU C 202 28.34 14.02 15.04
N THR C 203 28.47 15.34 15.18
CA THR C 203 29.54 16.09 14.52
C THR C 203 30.53 16.74 15.50
N LYS C 204 30.41 16.42 16.79
CA LYS C 204 31.26 17.10 17.79
C LYS C 204 32.75 16.79 17.61
N ASP C 205 33.07 15.61 17.06
CA ASP C 205 34.47 15.22 16.83
C ASP C 205 34.93 15.24 15.37
N ASN C 206 34.24 15.99 14.51
CA ASN C 206 34.66 16.06 13.10
C ASN C 206 34.42 17.39 12.38
N GLY C 207 34.28 18.45 13.15
CA GLY C 207 34.15 19.79 12.59
C GLY C 207 32.96 20.57 13.11
N GLY C 208 32.05 19.88 13.80
CA GLY C 208 30.84 20.50 14.36
C GLY C 208 29.92 21.11 13.32
N ASP C 209 30.03 20.65 12.08
CA ASP C 209 29.18 21.17 11.02
C ASP C 209 27.83 20.45 11.08
N TRP C 210 27.00 20.85 12.05
CA TRP C 210 25.72 20.17 12.30
C TRP C 210 24.71 20.48 11.21
N LYS C 211 24.83 21.66 10.62
CA LYS C 211 23.98 22.05 9.49
C LYS C 211 24.28 21.18 8.28
N GLY C 212 25.57 20.87 8.08
CA GLY C 212 26.00 19.95 7.03
C GLY C 212 25.48 18.54 7.23
N TYR C 213 25.46 18.07 8.48
CA TYR C 213 24.94 16.75 8.78
C TYR C 213 23.45 16.70 8.43
N LEU C 214 22.70 17.73 8.81
CA LEU C 214 21.24 17.75 8.55
C LEU C 214 20.93 17.79 7.06
N GLN C 215 21.75 18.55 6.31
CA GLN C 215 21.58 18.62 4.87
C GLN C 215 21.84 17.28 4.19
N SER C 216 22.86 16.57 4.63
CA SER C 216 23.11 15.21 4.13
C SER C 216 21.93 14.24 4.40
N VAL C 217 21.28 14.39 5.56
CA VAL C 217 20.10 13.57 5.90
C VAL C 217 19.00 13.89 4.89
N ALA C 218 18.76 15.18 4.67
CA ALA C 218 17.72 15.61 3.71
C ALA C 218 18.06 15.17 2.30
N ASP C 219 19.31 15.37 1.87
CA ASP C 219 19.75 14.91 0.55
C ASP C 219 19.53 13.40 0.37
N GLU C 220 19.76 12.62 1.41
CA GLU C 220 19.58 11.17 1.36
C GLU C 220 18.12 10.74 1.20
N HIS C 221 17.23 11.42 1.90
CA HIS C 221 15.86 10.91 2.05
C HIS C 221 14.77 11.65 1.27
N ALA C 222 14.93 12.96 1.08
CA ALA C 222 13.81 13.76 0.57
C ALA C 222 14.15 14.43 -0.76
N PRO C 223 13.34 14.16 -1.82
CA PRO C 223 13.49 14.82 -3.10
C PRO C 223 13.49 16.35 -3.01
N ILE C 224 12.78 16.91 -2.03
CA ILE C 224 12.73 18.36 -1.84
C ILE C 224 14.06 18.90 -1.21
N LYS C 225 14.87 17.99 -0.70
CA LYS C 225 16.23 18.31 -0.22
C LYS C 225 16.28 19.33 0.92
N ARG C 226 15.23 19.32 1.73
CA ARG C 226 15.23 20.04 3.00
C ARG C 226 14.29 19.36 3.98
N PHE C 227 14.47 19.69 5.26
CA PHE C 227 13.52 19.37 6.30
C PHE C 227 12.35 20.34 6.17
N ALA C 228 11.19 19.93 6.67
CA ALA C 228 10.07 20.84 6.84
C ALA C 228 10.24 21.58 8.15
N SER C 229 9.59 22.74 8.25
CA SER C 229 9.45 23.37 9.53
C SER C 229 8.24 22.75 10.24
N PRO C 230 8.26 22.76 11.58
CA PRO C 230 7.05 22.35 12.32
C PRO C 230 5.80 23.14 11.87
N GLU C 231 5.98 24.43 11.57
CA GLU C 231 4.86 25.29 11.17
C GLU C 231 4.22 24.85 9.88
N GLU C 232 5.03 24.49 8.89
CA GLU C 232 4.43 24.00 7.64
C GLU C 232 3.67 22.68 7.83
N LEU C 233 4.19 21.79 8.67
CA LEU C 233 3.46 20.56 8.99
C LEU C 233 2.15 20.87 9.74
N ALA C 234 2.21 21.79 10.69
CA ALA C 234 1.07 22.10 11.53
C ALA C 234 -0.14 22.53 10.71
N ASN C 235 0.10 23.19 9.59
CA ASN C 235 -1.00 23.62 8.72
C ASN C 235 -1.90 22.44 8.37
N PHE C 236 -1.29 21.30 8.11
CA PHE C 236 -2.05 20.13 7.69
C PHE C 236 -2.93 19.58 8.82
N PHE C 237 -2.41 19.62 10.04
CA PHE C 237 -3.20 19.22 11.20
C PHE C 237 -4.37 20.16 11.36
N VAL C 238 -4.14 21.46 11.21
CA VAL C 238 -5.25 22.42 11.41
C VAL C 238 -6.34 22.20 10.37
N PHE C 239 -5.91 22.04 9.11
CA PHE C 239 -6.84 21.81 8.04
C PHE C 239 -7.67 20.53 8.25
N LEU C 240 -7.01 19.44 8.61
CA LEU C 240 -7.74 18.14 8.77
C LEU C 240 -8.75 18.21 9.91
N CYS C 241 -8.47 19.02 10.92
CA CYS C 241 -9.39 19.12 12.05
C CYS C 241 -10.47 20.19 11.85
N SER C 242 -10.55 20.78 10.65
CA SER C 242 -11.38 21.96 10.40
C SER C 242 -12.72 21.57 9.79
N GLU C 243 -13.61 22.55 9.70
CA GLU C 243 -14.88 22.34 9.03
C GLU C 243 -14.71 22.11 7.53
N ARG C 244 -13.50 22.24 7.01
CA ARG C 244 -13.28 22.11 5.55
C ARG C 244 -12.83 20.70 5.15
N ALA C 245 -12.65 19.81 6.11
CA ALA C 245 -12.17 18.45 5.81
C ALA C 245 -13.14 17.39 6.31
N THR C 246 -14.42 17.63 6.06
CA THR C 246 -15.48 16.83 6.68
C THR C 246 -15.71 15.47 6.00
N TYR C 247 -14.98 15.17 4.93
CA TYR C 247 -15.13 13.85 4.28
C TYR C 247 -13.90 12.99 4.48
N SER C 248 -12.95 13.47 5.26
CA SER C 248 -11.74 12.68 5.55
C SER C 248 -11.99 11.78 6.75
N VAL C 249 -12.04 10.46 6.52
CA VAL C 249 -12.36 9.46 7.55
C VAL C 249 -11.44 8.24 7.32
N GLY C 250 -10.69 7.85 8.33
CA GLY C 250 -9.83 6.67 8.27
C GLY C 250 -8.74 6.72 7.23
N SER C 251 -8.22 7.91 6.98
CA SER C 251 -7.19 8.10 5.96
C SER C 251 -5.86 8.28 6.64
N ALA C 252 -4.79 8.08 5.88
CA ALA C 252 -3.43 8.35 6.31
C ALA C 252 -2.86 9.31 5.28
N TYR C 253 -2.41 10.46 5.78
CA TYR C 253 -1.93 11.53 4.93
C TYR C 253 -0.47 11.77 5.18
N PHE C 254 0.35 11.55 4.15
CA PHE C 254 1.79 11.75 4.24
C PHE C 254 2.13 13.19 3.98
N VAL C 255 3.07 13.73 4.76
CA VAL C 255 3.50 15.10 4.57
C VAL C 255 5.02 15.00 4.66
N ASP C 256 5.67 14.72 3.53
CA ASP C 256 7.02 14.15 3.63
C ASP C 256 8.03 14.60 2.60
N GLY C 257 7.70 15.63 1.82
CA GLY C 257 8.67 16.21 0.89
C GLY C 257 9.17 15.24 -0.17
N GLY C 258 8.37 14.20 -0.44
CA GLY C 258 8.72 13.19 -1.43
C GLY C 258 9.41 11.97 -0.88
N MET C 259 9.61 11.93 0.44
CA MET C 259 10.40 10.84 1.05
C MET C 259 9.85 9.42 0.84
N LEU C 260 8.52 9.30 0.77
CA LEU C 260 7.88 7.98 0.57
C LEU C 260 8.18 7.49 -0.83
N LYS C 261 8.80 6.32 -0.94
CA LYS C 261 9.36 5.87 -2.22
C LYS C 261 8.38 5.10 -3.06
N THR C 262 7.23 4.77 -2.48
CA THR C 262 6.21 4.02 -3.19
C THR C 262 4.96 4.87 -3.38
N LEU C 263 4.06 4.36 -4.21
CA LEU C 263 2.69 4.88 -4.33
C LEU C 263 1.93 4.80 -3.01
N MET D 1 8.85 -30.22 -7.87
CA MET D 1 9.90 -29.21 -7.56
C MET D 1 10.56 -29.59 -6.25
N ASP D 2 11.87 -29.79 -6.29
CA ASP D 2 12.62 -30.13 -5.06
C ASP D 2 12.66 -28.92 -4.12
N MET D 3 12.30 -29.12 -2.86
CA MET D 3 12.27 -28.00 -1.91
C MET D 3 13.61 -27.82 -1.16
N GLY D 4 14.43 -28.88 -1.10
CA GLY D 4 15.76 -28.79 -0.48
C GLY D 4 15.71 -28.61 1.03
N ILE D 5 14.65 -29.11 1.64
CA ILE D 5 14.57 -28.93 3.09
C ILE D 5 14.65 -30.23 3.90
N SER D 6 14.93 -31.35 3.23
CA SER D 6 15.12 -32.60 3.97
C SER D 6 16.20 -32.41 5.03
N GLY D 7 15.91 -32.79 6.26
CA GLY D 7 16.93 -32.71 7.30
C GLY D 7 17.08 -31.37 7.96
N LYS D 8 16.31 -30.39 7.49
CA LYS D 8 16.28 -29.07 8.14
C LYS D 8 15.39 -29.08 9.40
N VAL D 9 15.70 -28.21 10.35
CA VAL D 9 14.96 -28.15 11.62
C VAL D 9 13.99 -26.96 11.57
N ALA D 10 12.70 -27.26 11.63
CA ALA D 10 11.64 -26.24 11.53
C ALA D 10 10.88 -26.11 12.83
N VAL D 11 10.87 -24.90 13.40
CA VAL D 11 10.11 -24.60 14.61
C VAL D 11 8.82 -23.92 14.21
N ILE D 12 7.67 -24.49 14.60
CA ILE D 12 6.39 -23.90 14.23
C ILE D 12 5.65 -23.62 15.54
N THR D 13 5.39 -22.35 15.82
CA THR D 13 4.62 -22.05 17.03
C THR D 13 3.13 -22.25 16.78
N GLY D 14 2.41 -22.74 17.80
CA GLY D 14 0.98 -22.94 17.68
C GLY D 14 0.65 -24.04 16.68
N SER D 15 1.30 -25.21 16.83
CA SER D 15 1.22 -26.22 15.79
C SER D 15 0.60 -27.52 16.25
N SER D 16 -0.21 -27.48 17.32
CA SER D 16 -0.94 -28.70 17.73
C SER D 16 -2.26 -28.82 16.97
N SER D 17 -2.67 -27.76 16.28
CA SER D 17 -3.89 -27.80 15.51
C SER D 17 -3.94 -26.70 14.45
N GLY D 18 -4.99 -26.76 13.63
CA GLY D 18 -5.28 -25.72 12.65
C GLY D 18 -4.14 -25.46 11.69
N ILE D 19 -3.89 -24.19 11.39
CA ILE D 19 -2.93 -23.83 10.34
C ILE D 19 -1.52 -24.31 10.69
N GLY D 20 -1.14 -24.15 11.96
CA GLY D 20 0.22 -24.51 12.43
C GLY D 20 0.49 -26.00 12.22
N LEU D 21 -0.52 -26.83 12.49
CA LEU D 21 -0.33 -28.28 12.32
C LEU D 21 -0.19 -28.59 10.83
N ALA D 22 -0.98 -27.92 10.00
CA ALA D 22 -0.92 -28.12 8.55
C ALA D 22 0.45 -27.72 8.04
N ILE D 23 1.01 -26.62 8.56
CA ILE D 23 2.37 -26.21 8.16
C ILE D 23 3.41 -27.24 8.60
N ALA D 24 3.31 -27.69 9.85
CA ALA D 24 4.19 -28.78 10.31
C ALA D 24 4.07 -30.04 9.42
N GLU D 25 2.86 -30.46 9.05
CA GLU D 25 2.68 -31.57 8.09
C GLU D 25 3.35 -31.31 6.73
N GLY D 26 3.21 -30.08 6.23
CA GLY D 26 3.86 -29.68 4.98
C GLY D 26 5.37 -29.82 5.05
N PHE D 27 5.97 -29.35 6.15
CA PHE D 27 7.43 -29.49 6.32
C PHE D 27 7.87 -30.93 6.52
N ALA D 28 7.11 -31.67 7.32
CA ALA D 28 7.40 -33.10 7.59
C ALA D 28 7.41 -33.94 6.32
N LYS D 29 6.48 -33.63 5.41
CA LYS D 29 6.35 -34.32 4.13
C LYS D 29 7.60 -34.08 3.28
N GLU D 30 8.22 -32.90 3.46
CA GLU D 30 9.46 -32.58 2.76
C GLU D 30 10.71 -33.00 3.52
N GLY D 31 10.51 -33.68 4.65
CA GLY D 31 11.59 -34.34 5.35
C GLY D 31 12.24 -33.52 6.45
N ALA D 32 11.62 -32.39 6.81
CA ALA D 32 12.16 -31.53 7.86
C ALA D 32 11.91 -32.16 9.20
N HIS D 33 12.83 -31.97 10.15
CA HIS D 33 12.55 -32.31 11.54
C HIS D 33 11.75 -31.18 12.12
N ILE D 34 10.89 -31.50 13.08
CA ILE D 34 9.86 -30.56 13.50
C ILE D 34 9.94 -30.26 14.98
N VAL D 35 9.84 -28.98 15.31
CA VAL D 35 9.64 -28.58 16.70
C VAL D 35 8.21 -28.03 16.83
N LEU D 36 7.35 -28.77 17.52
CA LEU D 36 5.96 -28.38 17.70
C LEU D 36 5.80 -27.65 19.05
N VAL D 37 5.05 -26.55 19.02
CA VAL D 37 4.92 -25.71 20.20
C VAL D 37 3.45 -25.35 20.40
N ALA D 38 2.90 -25.67 21.57
CA ALA D 38 1.52 -25.29 21.92
C ALA D 38 1.36 -25.49 23.43
N ARG D 39 0.26 -25.00 23.98
CA ARG D 39 0.07 -25.06 25.44
C ARG D 39 -0.48 -26.38 25.96
N GLN D 40 -1.48 -26.94 25.30
CA GLN D 40 -2.17 -28.15 25.78
C GLN D 40 -1.30 -29.38 25.51
N VAL D 41 -0.91 -30.05 26.59
CA VAL D 41 0.11 -31.10 26.53
C VAL D 41 -0.31 -32.30 25.68
N ASP D 42 -1.53 -32.80 25.91
CA ASP D 42 -1.90 -34.04 25.24
C ASP D 42 -2.14 -33.80 23.75
N ARG D 43 -2.88 -32.73 23.43
CA ARG D 43 -3.09 -32.35 22.04
C ARG D 43 -1.76 -32.25 21.26
N LEU D 44 -0.77 -31.65 21.90
CA LEU D 44 0.53 -31.48 21.29
C LEU D 44 1.24 -32.82 21.13
N HIS D 45 1.17 -33.67 22.14
CA HIS D 45 1.79 -34.99 22.04
C HIS D 45 1.19 -35.83 20.92
N GLU D 46 -0.13 -35.77 20.79
CA GLU D 46 -0.81 -36.52 19.77
C GLU D 46 -0.55 -36.00 18.35
N ALA D 47 -0.42 -34.68 18.21
CA ALA D 47 -0.01 -34.07 16.94
C ALA D 47 1.40 -34.56 16.59
N ALA D 48 2.28 -34.57 17.59
CA ALA D 48 3.66 -35.03 17.38
C ALA D 48 3.72 -36.49 16.97
N ARG D 49 2.95 -37.34 17.65
CA ARG D 49 2.94 -38.77 17.32
C ARG D 49 2.50 -39.00 15.88
N SER D 50 1.46 -38.30 15.48
CA SER D 50 0.89 -38.45 14.14
C SER D 50 1.92 -38.05 13.07
N LEU D 51 2.63 -36.93 13.27
CA LEU D 51 3.65 -36.51 12.31
C LEU D 51 4.75 -37.53 12.23
N LYS D 52 5.23 -37.94 13.40
CA LYS D 52 6.38 -38.81 13.47
C LYS D 52 6.06 -40.13 12.79
N GLU D 53 4.87 -40.66 13.03
CA GLU D 53 4.50 -41.96 12.46
C GLU D 53 4.05 -41.92 11.00
N LYS D 54 3.50 -40.79 10.56
CA LYS D 54 3.06 -40.63 9.16
C LYS D 54 4.21 -40.25 8.22
N PHE D 55 5.18 -39.52 8.74
CA PHE D 55 6.23 -38.93 7.90
C PHE D 55 7.64 -39.35 8.24
N GLY D 56 7.83 -40.02 9.38
CA GLY D 56 9.12 -40.57 9.75
C GLY D 56 10.19 -39.57 10.11
N VAL D 57 9.78 -38.36 10.49
CA VAL D 57 10.76 -37.35 10.85
C VAL D 57 10.86 -37.30 12.35
N ARG D 58 11.87 -36.62 12.86
CA ARG D 58 11.95 -36.36 14.29
C ARG D 58 11.00 -35.23 14.65
N VAL D 59 10.34 -35.37 15.79
CA VAL D 59 9.44 -34.35 16.30
C VAL D 59 9.69 -34.09 17.78
N LEU D 60 9.96 -32.83 18.10
CA LEU D 60 10.19 -32.38 19.46
C LEU D 60 9.03 -31.54 19.92
N GLU D 61 8.45 -31.86 21.09
CA GLU D 61 7.34 -31.11 21.65
C GLU D 61 7.85 -30.11 22.68
N VAL D 62 7.34 -28.88 22.62
CA VAL D 62 7.59 -27.93 23.69
C VAL D 62 6.24 -27.40 24.12
N ALA D 63 5.76 -27.85 25.28
CA ALA D 63 4.42 -27.47 25.69
C ALA D 63 4.48 -26.23 26.58
N VAL D 64 4.38 -25.06 25.96
CA VAL D 64 4.52 -23.80 26.68
C VAL D 64 3.66 -22.73 26.03
N ASP D 65 3.52 -21.62 26.76
CA ASP D 65 2.82 -20.43 26.33
C ASP D 65 3.87 -19.48 25.74
N VAL D 66 3.82 -19.27 24.42
CA VAL D 66 4.82 -18.42 23.75
C VAL D 66 4.59 -16.93 23.96
N ALA D 67 3.48 -16.59 24.60
CA ALA D 67 3.24 -15.18 24.98
C ALA D 67 4.04 -14.76 26.23
N THR D 68 4.85 -15.68 26.77
CA THR D 68 5.64 -15.39 27.97
C THR D 68 7.12 -15.51 27.64
N PRO D 69 7.97 -14.69 28.29
CA PRO D 69 9.41 -14.82 28.07
C PRO D 69 9.91 -16.21 28.47
N GLU D 70 9.32 -16.79 29.51
CA GLU D 70 9.76 -18.09 30.03
C GLU D 70 9.46 -19.21 29.05
N GLY D 71 8.29 -19.14 28.41
CA GLY D 71 7.91 -20.09 27.36
C GLY D 71 8.87 -20.03 26.17
N VAL D 72 9.14 -18.81 25.69
CA VAL D 72 10.09 -18.65 24.58
C VAL D 72 11.46 -19.22 24.92
N ASP D 73 11.95 -18.89 26.12
CA ASP D 73 13.23 -19.43 26.62
C ASP D 73 13.27 -20.97 26.53
N ALA D 74 12.17 -21.63 26.90
CA ALA D 74 12.08 -23.08 26.88
C ALA D 74 12.17 -23.61 25.47
N VAL D 75 11.52 -22.91 24.53
CA VAL D 75 11.60 -23.30 23.13
C VAL D 75 13.05 -23.25 22.69
N VAL D 76 13.72 -22.13 22.96
CA VAL D 76 15.08 -21.91 22.49
C VAL D 76 16.02 -22.98 23.06
N GLU D 77 15.86 -23.26 24.34
CA GLU D 77 16.70 -24.27 24.99
C GLU D 77 16.38 -25.69 24.51
N SER D 78 15.12 -26.00 24.27
CA SER D 78 14.77 -27.32 23.72
C SER D 78 15.35 -27.50 22.33
N VAL D 79 15.26 -26.46 21.50
CA VAL D 79 15.86 -26.52 20.16
C VAL D 79 17.38 -26.69 20.26
N ARG D 80 18.01 -25.96 21.18
CA ARG D 80 19.47 -26.00 21.31
C ARG D 80 19.90 -27.42 21.70
N SER D 81 19.22 -27.96 22.71
CA SER D 81 19.49 -29.28 23.27
C SER D 81 19.33 -30.45 22.31
N SER D 82 18.22 -30.47 21.56
CA SER D 82 17.91 -31.58 20.65
C SER D 82 18.57 -31.46 19.30
N PHE D 83 18.67 -30.25 18.77
CA PHE D 83 19.08 -30.06 17.38
C PHE D 83 20.26 -29.15 17.14
N GLY D 84 20.68 -28.39 18.16
CA GLY D 84 21.79 -27.43 17.97
C GLY D 84 21.24 -26.03 17.68
N GLY D 85 20.26 -25.96 16.79
CA GLY D 85 19.62 -24.69 16.45
C GLY D 85 18.60 -24.99 15.39
N ALA D 86 17.90 -23.95 14.96
CA ALA D 86 16.84 -24.10 13.98
C ALA D 86 17.33 -23.58 12.63
N ASP D 87 16.73 -24.10 11.56
CA ASP D 87 16.90 -23.60 10.19
C ASP D 87 15.71 -22.77 9.76
N ILE D 88 14.55 -23.10 10.32
CA ILE D 88 13.31 -22.48 9.89
C ILE D 88 12.50 -22.13 11.13
N LEU D 89 11.90 -20.95 11.14
CA LEU D 89 11.00 -20.58 12.22
C LEU D 89 9.73 -20.00 11.62
N VAL D 90 8.60 -20.55 12.03
CA VAL D 90 7.28 -20.02 11.65
C VAL D 90 6.54 -19.55 12.90
N ASN D 91 6.30 -18.24 12.96
CA ASN D 91 5.53 -17.63 14.01
C ASN D 91 4.06 -17.70 13.63
N ASN D 92 3.33 -18.55 14.36
CA ASN D 92 1.95 -18.84 14.00
C ASN D 92 0.97 -18.79 15.17
N ALA D 93 1.43 -19.07 16.38
CA ALA D 93 0.53 -19.09 17.54
C ALA D 93 -0.22 -17.77 17.60
N GLY D 94 -1.54 -17.88 17.73
CA GLY D 94 -2.38 -16.71 17.71
C GLY D 94 -3.84 -17.05 17.74
N THR D 95 -4.67 -16.02 17.88
CA THR D 95 -6.13 -16.21 17.92
C THR D 95 -6.76 -14.87 17.57
N GLY D 96 -8.01 -14.88 17.10
CA GLY D 96 -8.74 -13.67 16.76
C GLY D 96 -9.13 -12.88 18.00
N SER D 97 -9.61 -11.65 17.81
CA SER D 97 -10.21 -10.93 18.91
C SER D 97 -11.69 -10.62 18.63
N ASN D 98 -12.32 -9.84 19.50
CA ASN D 98 -13.73 -9.54 19.40
C ASN D 98 -14.06 -8.53 20.50
N GLU D 99 -14.16 -7.26 20.11
CA GLU D 99 -14.39 -6.17 21.08
C GLU D 99 -14.66 -4.87 20.35
N THR D 100 -15.01 -3.83 21.10
CA THR D 100 -14.88 -2.47 20.59
C THR D 100 -13.73 -1.78 21.33
N ILE D 101 -13.16 -0.73 20.72
CA ILE D 101 -12.12 0.07 21.37
C ILE D 101 -12.69 0.75 22.61
N MET D 102 -13.94 1.17 22.54
CA MET D 102 -14.56 1.89 23.66
C MET D 102 -14.67 1.03 24.93
N GLU D 103 -14.90 -0.28 24.75
CA GLU D 103 -15.16 -1.20 25.87
C GLU D 103 -13.98 -2.08 26.36
N ALA D 104 -13.03 -2.39 25.48
CA ALA D 104 -11.96 -3.34 25.81
C ALA D 104 -11.01 -2.85 26.91
N ALA D 105 -10.66 -3.77 27.80
CA ALA D 105 -9.73 -3.50 28.88
C ALA D 105 -8.31 -3.39 28.38
N ASP D 106 -7.50 -2.58 29.06
CA ASP D 106 -6.07 -2.47 28.72
C ASP D 106 -5.40 -3.85 28.71
N GLU D 107 -5.82 -4.71 29.63
CA GLU D 107 -5.21 -6.03 29.77
C GLU D 107 -5.41 -6.86 28.49
N LYS D 108 -6.51 -6.61 27.76
CA LYS D 108 -6.76 -7.36 26.54
C LYS D 108 -5.78 -6.89 25.45
N TRP D 109 -5.58 -5.58 25.36
CA TRP D 109 -4.55 -5.05 24.42
C TRP D 109 -3.18 -5.66 24.71
N GLN D 110 -2.83 -5.75 25.99
CA GLN D 110 -1.52 -6.27 26.38
C GLN D 110 -1.35 -7.73 25.99
N PHE D 111 -2.40 -8.52 26.17
CA PHE D 111 -2.39 -9.97 25.88
C PHE D 111 -2.03 -10.20 24.40
N TYR D 112 -2.68 -9.44 23.52
CA TYR D 112 -2.45 -9.62 22.06
C TYR D 112 -1.09 -9.10 21.65
N TRP D 113 -0.64 -8.02 22.29
CA TRP D 113 0.71 -7.53 22.07
C TRP D 113 1.76 -8.59 22.44
N GLU D 114 1.61 -9.23 23.60
CA GLU D 114 2.53 -10.31 24.02
C GLU D 114 2.46 -11.53 23.09
N LEU D 115 1.25 -11.94 22.73
CA LEU D 115 1.05 -13.17 21.96
C LEU D 115 1.47 -13.03 20.50
N LEU D 116 1.07 -11.92 19.87
CA LEU D 116 1.28 -11.79 18.43
C LEU D 116 2.58 -11.09 18.08
N VAL D 117 3.00 -10.14 18.91
CA VAL D 117 4.21 -9.38 18.56
C VAL D 117 5.41 -9.80 19.39
N MET D 118 5.32 -9.71 20.70
CA MET D 118 6.49 -10.04 21.53
C MET D 118 6.96 -11.49 21.36
N ALA D 119 6.04 -12.42 21.08
CA ALA D 119 6.47 -13.81 20.82
C ALA D 119 7.45 -13.85 19.67
N ALA D 120 7.12 -13.15 18.58
CA ALA D 120 8.01 -13.04 17.41
C ALA D 120 9.34 -12.33 17.72
N VAL D 121 9.26 -11.24 18.47
CA VAL D 121 10.46 -10.55 18.93
C VAL D 121 11.36 -11.49 19.76
N ARG D 122 10.77 -12.15 20.75
CA ARG D 122 11.54 -12.99 21.66
C ARG D 122 12.09 -14.23 20.98
N LEU D 123 11.31 -14.82 20.08
CA LEU D 123 11.81 -15.98 19.32
C LEU D 123 12.92 -15.61 18.35
N ALA D 124 12.81 -14.48 17.68
CA ALA D 124 13.92 -14.01 16.86
C ALA D 124 15.19 -13.79 17.67
N ARG D 125 15.12 -13.10 18.81
CA ARG D 125 16.33 -12.89 19.63
C ARG D 125 16.94 -14.22 20.07
N GLY D 126 16.07 -15.15 20.45
CA GLY D 126 16.50 -16.45 20.95
C GLY D 126 17.05 -17.41 19.91
N LEU D 127 16.44 -17.42 18.72
CA LEU D 127 16.79 -18.40 17.68
C LEU D 127 17.73 -17.94 16.57
N VAL D 128 17.77 -16.63 16.30
CA VAL D 128 18.64 -16.13 15.24
C VAL D 128 20.13 -16.50 15.42
N PRO D 129 20.66 -16.44 16.66
CA PRO D 129 22.09 -16.79 16.79
C PRO D 129 22.42 -18.21 16.33
N GLY D 130 21.57 -19.17 16.67
CA GLY D 130 21.74 -20.57 16.23
C GLY D 130 21.58 -20.71 14.73
N MET D 131 20.58 -20.00 14.18
CA MET D 131 20.36 -20.02 12.75
C MET D 131 21.57 -19.44 12.00
N ARG D 132 22.09 -18.32 12.51
CA ARG D 132 23.34 -17.73 12.00
C ARG D 132 24.47 -18.74 11.91
N ALA D 133 24.65 -19.48 12.99
CA ALA D 133 25.77 -20.39 13.14
C ALA D 133 25.58 -21.57 12.22
N ARG D 134 24.33 -21.84 11.84
CA ARG D 134 24.02 -22.89 10.89
C ARG D 134 24.19 -22.49 9.42
N GLY D 135 24.42 -21.19 9.19
CA GLY D 135 24.70 -20.67 7.84
C GLY D 135 23.54 -19.91 7.21
N GLY D 136 22.46 -19.70 7.95
CA GLY D 136 21.29 -19.00 7.40
C GLY D 136 19.99 -19.66 7.80
N GLY D 137 18.88 -19.21 7.19
CA GLY D 137 17.59 -19.81 7.50
C GLY D 137 16.46 -18.98 6.95
N ALA D 138 15.26 -19.33 7.37
CA ALA D 138 14.05 -18.68 6.93
C ALA D 138 13.17 -18.46 8.16
N ILE D 139 12.59 -17.26 8.26
CA ILE D 139 11.63 -16.98 9.33
C ILE D 139 10.39 -16.44 8.66
N ILE D 140 9.24 -16.97 9.00
CA ILE D 140 7.95 -16.47 8.46
C ILE D 140 7.07 -16.05 9.60
N HIS D 141 6.41 -14.92 9.41
CA HIS D 141 5.41 -14.45 10.34
C HIS D 141 4.06 -14.65 9.72
N ASN D 142 3.23 -15.47 10.34
CA ASN D 142 1.83 -15.66 9.90
C ASN D 142 1.02 -14.53 10.52
N ALA D 143 0.76 -13.49 9.75
CA ALA D 143 0.03 -12.37 10.29
C ALA D 143 -1.45 -12.59 9.95
N SER D 144 -1.97 -11.85 8.96
CA SER D 144 -3.40 -11.95 8.56
C SER D 144 -3.69 -10.91 7.51
N ILE D 145 -4.68 -11.18 6.67
CA ILE D 145 -5.19 -10.12 5.78
C ILE D 145 -5.58 -8.89 6.60
N CYS D 146 -5.98 -9.11 7.86
CA CYS D 146 -6.35 -8.00 8.75
C CYS D 146 -5.23 -7.06 9.14
N ALA D 147 -3.98 -7.46 8.86
CA ALA D 147 -2.82 -6.61 9.14
C ALA D 147 -2.83 -5.36 8.23
N VAL D 148 -3.56 -5.44 7.13
CA VAL D 148 -3.74 -4.30 6.24
C VAL D 148 -5.20 -3.93 6.03
N GLN D 149 -6.09 -4.92 6.04
CA GLN D 149 -7.51 -4.69 5.78
C GLN D 149 -8.30 -5.13 7.02
N PRO D 150 -8.52 -4.20 7.97
CA PRO D 150 -9.02 -4.54 9.28
C PRO D 150 -10.48 -5.05 9.24
N LEU D 151 -10.77 -6.10 10.01
CA LEU D 151 -12.16 -6.56 10.16
C LEU D 151 -12.81 -5.82 11.32
N TRP D 152 -14.05 -5.36 11.10
CA TRP D 152 -14.69 -4.41 12.02
C TRP D 152 -14.74 -4.90 13.47
N TYR D 153 -14.95 -6.20 13.69
CA TYR D 153 -15.20 -6.73 15.03
C TYR D 153 -13.98 -6.98 15.89
N GLU D 154 -12.78 -6.88 15.31
CA GLU D 154 -11.59 -7.27 16.08
C GLU D 154 -10.43 -6.23 16.04
N PRO D 155 -10.67 -5.02 16.58
CA PRO D 155 -9.65 -3.96 16.45
C PRO D 155 -8.33 -4.32 17.10
N ILE D 156 -8.35 -5.03 18.23
CA ILE D 156 -7.09 -5.37 18.92
C ILE D 156 -6.23 -6.28 18.03
N TYR D 157 -6.85 -7.33 17.51
CA TYR D 157 -6.20 -8.23 16.53
C TYR D 157 -5.68 -7.48 15.31
N ASN D 158 -6.48 -6.56 14.76
CA ASN D 158 -6.02 -5.81 13.59
C ASN D 158 -4.74 -5.01 13.89
N VAL D 159 -4.72 -4.31 15.04
CA VAL D 159 -3.60 -3.44 15.42
C VAL D 159 -2.33 -4.27 15.66
N THR D 160 -2.48 -5.36 16.40
CA THR D 160 -1.33 -6.21 16.72
C THR D 160 -0.80 -7.02 15.53
N LYS D 161 -1.69 -7.46 14.62
CA LYS D 161 -1.25 -8.10 13.36
C LYS D 161 -0.53 -7.11 12.43
N ALA D 162 -1.04 -5.86 12.39
CA ALA D 162 -0.33 -4.79 11.68
C ALA D 162 1.07 -4.59 12.26
N ALA D 163 1.16 -4.54 13.58
CA ALA D 163 2.48 -4.47 14.23
C ALA D 163 3.42 -5.64 13.86
N LEU D 164 2.87 -6.84 13.84
CA LEU D 164 3.64 -8.03 13.46
C LEU D 164 4.14 -7.93 12.00
N MET D 165 3.28 -7.49 11.08
CA MET D 165 3.70 -7.30 9.69
C MET D 165 4.87 -6.34 9.60
N MET D 166 4.82 -5.23 10.36
CA MET D 166 5.95 -4.32 10.38
C MET D 166 7.16 -4.95 11.03
N PHE D 167 6.97 -5.63 12.17
CA PHE D 167 8.12 -6.34 12.77
C PHE D 167 8.85 -7.24 11.75
N SER D 168 8.08 -8.02 11.00
CA SER D 168 8.63 -8.94 9.97
C SER D 168 9.60 -8.20 9.06
N LYS D 169 9.12 -7.09 8.52
CA LYS D 169 9.91 -6.23 7.64
C LYS D 169 11.19 -5.68 8.29
N THR D 170 11.08 -5.21 9.54
CA THR D 170 12.25 -4.67 10.23
C THR D 170 13.24 -5.78 10.50
N LEU D 171 12.74 -6.97 10.86
CA LEU D 171 13.65 -8.09 11.16
C LEU D 171 14.33 -8.50 9.88
N ALA D 172 13.58 -8.45 8.77
CA ALA D 172 14.13 -8.88 7.49
C ALA D 172 15.41 -8.13 7.13
N THR D 173 15.40 -6.81 7.31
CA THR D 173 16.57 -6.03 6.92
C THR D 173 17.73 -6.17 7.91
N GLU D 174 17.41 -6.45 9.17
CA GLU D 174 18.43 -6.70 10.19
C GLU D 174 19.23 -7.98 10.00
N VAL D 175 18.57 -9.05 9.55
CA VAL D 175 19.26 -10.37 9.55
C VAL D 175 19.61 -10.95 8.17
N ILE D 176 19.23 -10.27 7.09
CA ILE D 176 19.57 -10.77 5.76
C ILE D 176 21.11 -10.91 5.58
N LYS D 177 21.87 -10.04 6.27
CA LYS D 177 23.31 -10.16 6.58
C LYS D 177 23.77 -11.60 6.78
N ASP D 178 23.01 -12.31 7.61
CA ASP D 178 23.33 -13.65 8.09
C ASP D 178 22.75 -14.75 7.19
N ASN D 179 22.30 -14.37 5.98
CA ASN D 179 21.61 -15.29 5.09
C ASN D 179 20.32 -15.84 5.74
N ILE D 180 19.66 -15.03 6.60
CA ILE D 180 18.36 -15.39 7.12
C ILE D 180 17.32 -14.55 6.42
N ARG D 181 16.36 -15.23 5.80
CA ARG D 181 15.36 -14.57 4.95
C ARG D 181 14.05 -14.53 5.70
N VAL D 182 13.57 -13.31 5.98
CA VAL D 182 12.34 -13.13 6.78
C VAL D 182 11.21 -12.60 5.90
N ASN D 183 10.04 -13.22 6.00
CA ASN D 183 8.87 -12.78 5.23
C ASN D 183 7.62 -12.96 6.06
N CYS D 184 6.51 -12.41 5.55
CA CYS D 184 5.25 -12.46 6.22
C CYS D 184 4.25 -13.07 5.26
N ILE D 185 3.40 -13.97 5.77
CA ILE D 185 2.25 -14.44 5.00
C ILE D 185 0.98 -13.90 5.64
N ASN D 186 0.08 -13.38 4.82
CA ASN D 186 -1.19 -12.82 5.27
C ASN D 186 -2.34 -13.65 4.70
N PRO D 187 -2.85 -14.63 5.47
CA PRO D 187 -3.93 -15.47 4.99
C PRO D 187 -5.29 -14.78 5.06
N GLY D 188 -6.18 -15.14 4.14
CA GLY D 188 -7.60 -14.75 4.18
C GLY D 188 -8.38 -15.77 5.01
N LEU D 189 -9.55 -16.16 4.54
CA LEU D 189 -10.43 -17.08 5.27
C LEU D 189 -9.88 -18.50 5.17
N ILE D 190 -9.45 -19.06 6.30
CA ILE D 190 -8.92 -20.45 6.31
C ILE D 190 -9.80 -21.27 7.23
N LEU D 191 -10.34 -22.38 6.71
CA LEU D 191 -11.29 -23.15 7.49
C LEU D 191 -10.61 -23.96 8.59
N THR D 192 -10.64 -23.41 9.78
CA THR D 192 -10.06 -24.07 10.96
C THR D 192 -11.16 -24.40 11.98
N PRO D 193 -10.85 -25.18 13.03
CA PRO D 193 -11.92 -25.62 13.92
C PRO D 193 -12.77 -24.49 14.54
N ASP D 194 -12.13 -23.40 14.93
CA ASP D 194 -12.86 -22.29 15.56
C ASP D 194 -13.91 -21.63 14.64
N TRP D 195 -13.66 -21.64 13.33
CA TRP D 195 -14.67 -21.17 12.37
C TRP D 195 -15.90 -22.05 12.42
N ILE D 196 -15.68 -23.37 12.49
CA ILE D 196 -16.80 -24.31 12.51
C ILE D 196 -17.57 -24.18 13.83
N LYS D 197 -16.82 -24.04 14.93
CA LYS D 197 -17.43 -23.85 16.24
C LYS D 197 -18.30 -22.59 16.30
N THR D 198 -17.76 -21.47 15.79
CA THR D 198 -18.49 -20.19 15.72
C THR D 198 -19.77 -20.25 14.85
N ALA D 199 -19.67 -20.95 13.72
CA ALA D 199 -20.80 -21.13 12.83
C ALA D 199 -21.92 -21.91 13.55
N LYS D 200 -21.53 -22.95 14.28
CA LYS D 200 -22.47 -23.75 15.05
C LYS D 200 -23.11 -22.94 16.21
N GLU D 201 -22.30 -22.10 16.85
CA GLU D 201 -22.79 -21.24 17.94
C GLU D 201 -23.76 -20.17 17.44
N LEU D 202 -23.41 -19.53 16.32
CA LEU D 202 -24.23 -18.44 15.79
C LEU D 202 -25.49 -18.90 15.05
N THR D 203 -25.61 -20.22 14.82
CA THR D 203 -26.80 -20.79 14.16
C THR D 203 -27.63 -21.71 15.06
N LYS D 204 -27.24 -21.83 16.33
CA LYS D 204 -27.92 -22.76 17.24
C LYS D 204 -29.41 -22.44 17.40
N ASP D 205 -29.76 -21.15 17.34
CA ASP D 205 -31.14 -20.69 17.52
C ASP D 205 -31.90 -20.26 16.25
N ASN D 206 -31.34 -20.53 15.08
CA ASN D 206 -32.05 -20.22 13.81
C ASN D 206 -32.02 -21.32 12.76
N GLY D 207 -31.78 -22.56 13.18
CA GLY D 207 -31.88 -23.69 12.26
C GLY D 207 -30.63 -24.54 12.13
N GLY D 208 -29.55 -24.10 12.78
CA GLY D 208 -28.29 -24.85 12.83
C GLY D 208 -27.59 -25.05 11.50
N ASP D 209 -27.91 -24.21 10.54
CA ASP D 209 -27.30 -24.31 9.21
C ASP D 209 -25.91 -23.67 9.26
N TRP D 210 -24.96 -24.37 9.88
CA TRP D 210 -23.61 -23.85 10.09
C TRP D 210 -22.82 -23.69 8.78
N LYS D 211 -23.04 -24.61 7.85
CA LYS D 211 -22.43 -24.57 6.53
C LYS D 211 -22.96 -23.36 5.76
N GLY D 212 -24.24 -23.08 5.92
CA GLY D 212 -24.83 -21.88 5.34
C GLY D 212 -24.21 -20.59 5.86
N TYR D 213 -23.94 -20.54 7.16
CA TYR D 213 -23.30 -19.38 7.76
C TYR D 213 -21.90 -19.17 7.18
N LEU D 214 -21.12 -20.25 7.11
CA LEU D 214 -19.74 -20.15 6.56
C LEU D 214 -19.75 -19.72 5.10
N GLN D 215 -20.68 -20.28 4.32
CA GLN D 215 -20.83 -19.89 2.92
C GLN D 215 -21.18 -18.41 2.77
N SER D 216 -21.98 -17.88 3.70
CA SER D 216 -22.30 -16.45 3.65
C SER D 216 -21.08 -15.56 3.97
N VAL D 217 -20.22 -16.03 4.87
CA VAL D 217 -18.96 -15.34 5.19
C VAL D 217 -18.08 -15.33 3.94
N ALA D 218 -17.91 -16.50 3.31
CA ALA D 218 -17.12 -16.58 2.07
C ALA D 218 -17.70 -15.69 0.98
N ASP D 219 -19.03 -15.74 0.76
CA ASP D 219 -19.65 -14.92 -0.29
C ASP D 219 -19.42 -13.42 -0.04
N GLU D 220 -19.47 -13.01 1.23
CA GLU D 220 -19.28 -11.60 1.62
C GLU D 220 -17.86 -11.09 1.34
N HIS D 221 -16.87 -11.94 1.59
CA HIS D 221 -15.47 -11.50 1.66
C HIS D 221 -14.58 -11.96 0.50
N ALA D 222 -14.84 -13.13 -0.06
CA ALA D 222 -13.86 -13.71 -1.01
C ALA D 222 -14.46 -13.96 -2.39
N PRO D 223 -13.87 -13.36 -3.43
CA PRO D 223 -14.24 -13.59 -4.83
C PRO D 223 -14.29 -15.09 -5.20
N ILE D 224 -13.41 -15.89 -4.62
CA ILE D 224 -13.37 -17.32 -4.88
C ILE D 224 -14.57 -18.05 -4.21
N LYS D 225 -15.25 -17.36 -3.30
CA LYS D 225 -16.48 -17.85 -2.69
C LYS D 225 -16.34 -19.18 -1.95
N ARG D 226 -15.17 -19.38 -1.33
CA ARG D 226 -14.99 -20.50 -0.42
C ARG D 226 -13.87 -20.13 0.55
N PHE D 227 -13.83 -20.83 1.69
CA PHE D 227 -12.65 -20.84 2.55
C PHE D 227 -11.54 -21.66 1.91
N ALA D 228 -10.29 -21.35 2.27
CA ALA D 228 -9.16 -22.23 1.98
C ALA D 228 -9.11 -23.36 2.99
N SER D 229 -8.47 -24.46 2.60
CA SER D 229 -8.10 -25.46 3.60
C SER D 229 -6.74 -25.05 4.20
N PRO D 230 -6.48 -25.45 5.45
CA PRO D 230 -5.15 -25.24 6.03
C PRO D 230 -4.06 -25.82 5.18
N GLU D 231 -4.32 -26.97 4.53
CA GLU D 231 -3.32 -27.64 3.71
C GLU D 231 -2.92 -26.81 2.50
N GLU D 232 -3.91 -26.15 1.88
CA GLU D 232 -3.65 -25.33 0.71
C GLU D 232 -2.81 -24.10 1.11
N LEU D 233 -3.12 -23.50 2.24
CA LEU D 233 -2.29 -22.43 2.79
C LEU D 233 -0.87 -22.88 3.15
N ALA D 234 -0.77 -24.03 3.80
CA ALA D 234 0.52 -24.59 4.20
C ALA D 234 1.53 -24.72 3.06
N ASN D 235 1.07 -25.02 1.85
CA ASN D 235 1.99 -25.09 0.69
C ASN D 235 2.85 -23.85 0.54
N PHE D 236 2.25 -22.69 0.78
CA PHE D 236 2.94 -21.41 0.58
C PHE D 236 4.03 -21.23 1.62
N PHE D 237 3.75 -21.65 2.84
CA PHE D 237 4.75 -21.60 3.90
C PHE D 237 5.94 -22.47 3.57
N VAL D 238 5.68 -23.69 3.09
CA VAL D 238 6.77 -24.63 2.76
C VAL D 238 7.60 -24.06 1.61
N PHE D 239 6.92 -23.50 0.61
CA PHE D 239 7.63 -22.95 -0.55
C PHE D 239 8.50 -21.77 -0.16
N LEU D 240 7.93 -20.84 0.61
CA LEU D 240 8.68 -19.66 1.05
C LEU D 240 9.92 -20.03 1.87
N CYS D 241 9.86 -21.12 2.63
CA CYS D 241 10.98 -21.54 3.46
C CYS D 241 11.94 -22.47 2.75
N SER D 242 11.77 -22.67 1.45
CA SER D 242 12.53 -23.67 0.71
C SER D 242 13.73 -23.07 0.00
N GLU D 243 14.55 -23.96 -0.58
CA GLU D 243 15.66 -23.51 -1.43
C GLU D 243 15.22 -22.84 -2.73
N ARG D 244 13.91 -22.87 -3.02
CA ARG D 244 13.36 -22.29 -4.23
C ARG D 244 12.92 -20.82 -4.13
N ALA D 245 12.91 -20.30 -2.91
CA ALA D 245 12.44 -18.91 -2.69
C ALA D 245 13.54 -18.05 -2.06
N THR D 246 14.74 -18.17 -2.62
CA THR D 246 15.91 -17.55 -2.01
C THR D 246 16.05 -16.04 -2.28
N TYR D 247 15.17 -15.46 -3.07
CA TYR D 247 15.23 -14.01 -3.29
C TYR D 247 14.09 -13.27 -2.58
N SER D 248 13.29 -14.01 -1.83
CA SER D 248 12.17 -13.42 -1.10
C SER D 248 12.69 -12.92 0.26
N VAL D 249 12.71 -11.61 0.43
CA VAL D 249 13.27 -10.94 1.61
C VAL D 249 12.39 -9.72 1.95
N GLY D 250 11.88 -9.69 3.17
CA GLY D 250 11.12 -8.54 3.65
C GLY D 250 9.81 -8.33 2.92
N SER D 251 9.22 -9.42 2.43
CA SER D 251 7.98 -9.32 1.65
C SER D 251 6.79 -9.76 2.47
N ALA D 252 5.60 -9.36 2.01
CA ALA D 252 4.36 -9.80 2.61
C ALA D 252 3.56 -10.43 1.51
N TYR D 253 3.18 -11.69 1.71
CA TYR D 253 2.51 -12.49 0.71
C TYR D 253 1.09 -12.82 1.15
N PHE D 254 0.12 -12.28 0.42
CA PHE D 254 -1.30 -12.54 0.73
C PHE D 254 -1.73 -13.85 0.09
N VAL D 255 -2.45 -14.68 0.83
CA VAL D 255 -2.98 -15.92 0.30
C VAL D 255 -4.44 -15.89 0.72
N ASP D 256 -5.30 -15.29 -0.11
CA ASP D 256 -6.57 -14.78 0.44
C ASP D 256 -7.79 -14.95 -0.47
N GLY D 257 -7.65 -15.68 -1.58
CA GLY D 257 -8.82 -15.99 -2.41
C GLY D 257 -9.51 -14.76 -3.00
N GLY D 258 -8.78 -13.64 -3.06
CA GLY D 258 -9.28 -12.42 -3.68
C GLY D 258 -9.77 -11.40 -2.66
N MET D 259 -9.63 -11.73 -1.39
CA MET D 259 -10.29 -10.96 -0.32
C MET D 259 -9.74 -9.55 -0.16
N LEU D 260 -8.46 -9.36 -0.45
CA LEU D 260 -7.84 -8.02 -0.36
C LEU D 260 -8.45 -7.16 -1.46
N LYS D 261 -9.00 -6.00 -1.10
CA LYS D 261 -9.81 -5.25 -2.04
C LYS D 261 -9.01 -4.22 -2.80
N THR D 262 -7.77 -4.03 -2.36
CA THR D 262 -6.91 -3.07 -2.99
C THR D 262 -5.71 -3.75 -3.61
N LEU D 263 -4.96 -2.98 -4.39
CA LEU D 263 -3.59 -3.33 -4.71
C LEU D 263 -2.80 -3.38 -3.40
#